data_5Z12
#
_entry.id   5Z12
#
_cell.length_a   89.873
_cell.length_b   95.484
_cell.length_c   116.721
_cell.angle_alpha   90.000
_cell.angle_beta   90.000
_cell.angle_gamma   90.000
#
_symmetry.space_group_name_H-M   'P 21 21 21'
#
loop_
_entity.id
_entity.type
_entity.pdbx_description
1 polymer 'Bile acid receptor'
2 polymer 'Retinoic acid receptor RXR-alpha'
3 polymer 'Peptide from Nuclear receptor coactivator 2'
4 polymer 'Peptide from Nuclear receptor coactivator 2'
5 non-polymer '1-methylethyl 3-[(3,4-difluorophenyl)carbonyl]-1,1-dimethyl-1,2,3,6-tetrahydroazepino[4,5-b]indole-5-carboxylate'
6 non-polymer '(9cis)-retinoic acid'
7 water water
#
loop_
_entity_poly.entity_id
_entity_poly.type
_entity_poly.pdbx_seq_one_letter_code
_entity_poly.pdbx_strand_id
1 'polypeptide(L)'
;LTPDQQTLLHFIMDSYNKQRMPQEITNKILKEEFSAEENFLILTEMATNHVQVLVEFTKKLPGFQTLDHEDQIALLKGSA
VEAMFLRSAEIFNKKLPSGHSDLLEERIRNSGISDEYITPMFSFYKSIGELKMTQEEYALLTAIVILSPDRQYIKDREAV
EKLQEPLLDVLQKLCKIHQPENPQHFACLLGRLTELRTFNHHHAEMLMSWRVNDHKFTPLLCEIWDVQ
;
A,D
2 'polypeptide(L)'
;EDMPVERILEAELAVEPKTETYVEANMGLNPSSPNDPVTNICQAADKQLFTLVEWAKRIPHFSELPLDDQVILLRAGWNE
LLIASFSHRSIAVKDGILLATGLHVHRNSAHSAGVGAIFDRVLTELVSKMRDMQMDKTELGCLRAIVLFNPDSKGLSNPA
EVEALREKVYASLEAYCKHKYPEQPGRFAKLLLRLPALRSIGLKCLEHLFFFKLIGDTPIDTFLMEMLEAP
;
C,B
3 'polypeptide(L)' HKILHRLLQ F,I
4 'polypeptide(L)' HKILHR J,H
#
# COMPACT_ATOMS: atom_id res chain seq x y z
N LEU A 1 29.77 36.78 -1.99
CA LEU A 1 28.44 37.45 -1.81
C LEU A 1 28.52 38.71 -0.93
N THR A 2 27.86 39.78 -1.36
CA THR A 2 27.98 41.14 -0.78
C THR A 2 27.96 41.17 0.76
N PRO A 3 28.77 42.05 1.40
CA PRO A 3 28.66 42.28 2.86
C PRO A 3 27.26 42.69 3.38
N ASP A 4 26.41 43.27 2.54
CA ASP A 4 25.00 43.53 2.90
C ASP A 4 24.15 42.24 2.90
N GLN A 5 24.27 41.45 1.84
CA GLN A 5 23.72 40.08 1.78
C GLN A 5 24.28 39.18 2.90
N GLN A 6 25.59 39.25 3.13
CA GLN A 6 26.30 38.46 4.15
C GLN A 6 25.86 38.74 5.58
N THR A 7 25.46 39.98 5.85
CA THR A 7 25.01 40.36 7.21
C THR A 7 23.51 40.02 7.38
N LEU A 8 22.71 40.17 6.32
CA LEU A 8 21.31 39.67 6.27
C LEU A 8 21.22 38.16 6.62
N LEU A 9 22.09 37.36 6.01
CA LEU A 9 22.20 35.93 6.33
C LEU A 9 22.37 35.64 7.83
N HIS A 10 23.20 36.43 8.49
CA HIS A 10 23.54 36.22 9.90
C HIS A 10 22.33 36.39 10.83
N PHE A 11 21.45 37.34 10.53
CA PHE A 11 20.21 37.57 11.31
C PHE A 11 19.28 36.39 11.17
N ILE A 12 19.16 35.86 9.95
CA ILE A 12 18.42 34.61 9.70
C ILE A 12 19.03 33.47 10.50
N MET A 13 20.33 33.25 10.32
CA MET A 13 21.03 32.19 11.06
C MET A 13 20.92 32.27 12.59
N ASP A 14 21.07 33.47 13.13
CA ASP A 14 20.88 33.74 14.56
C ASP A 14 19.45 33.37 14.99
N SER A 15 18.48 33.87 14.22
CA SER A 15 17.05 33.69 14.50
C SER A 15 16.65 32.22 14.42
N TYR A 16 17.10 31.56 13.35
CA TYR A 16 16.90 30.12 13.09
C TYR A 16 17.37 29.24 14.24
N ASN A 17 18.57 29.53 14.74
CA ASN A 17 19.19 28.77 15.85
C ASN A 17 18.47 28.79 17.22
N LYS A 18 17.48 29.65 17.40
CA LYS A 18 16.64 29.59 18.61
C LYS A 18 15.75 28.36 18.66
N GLN A 19 15.70 27.58 17.57
CA GLN A 19 14.93 26.33 17.52
C GLN A 19 15.44 25.27 18.49
N ARG A 20 14.54 24.37 18.86
CA ARG A 20 14.90 23.21 19.65
C ARG A 20 15.90 22.40 18.85
N MET A 21 16.93 21.90 19.52
CA MET A 21 17.97 21.07 18.89
C MET A 21 17.30 19.81 18.29
N PRO A 22 17.81 19.31 17.15
CA PRO A 22 17.28 18.04 16.61
C PRO A 22 17.32 16.92 17.62
N GLN A 23 18.40 16.88 18.41
CA GLN A 23 18.57 15.87 19.46
C GLN A 23 17.43 15.92 20.49
N GLU A 24 17.00 17.13 20.87
CA GLU A 24 15.87 17.28 21.79
C GLU A 24 14.64 16.59 21.24
N ILE A 25 14.28 16.97 20.01
CA ILE A 25 13.13 16.43 19.29
C ILE A 25 13.27 14.91 19.16
N THR A 26 14.36 14.49 18.52
CA THR A 26 14.72 13.08 18.39
C THR A 26 14.42 12.35 19.70
N ASN A 27 15.01 12.85 20.79
CA ASN A 27 14.92 12.26 22.13
C ASN A 27 13.47 12.04 22.52
N LYS A 28 12.64 13.09 22.44
CA LYS A 28 11.22 13.00 22.88
C LYS A 28 10.44 11.80 22.31
N ILE A 29 10.71 11.41 21.08
CA ILE A 29 10.00 10.29 20.43
C ILE A 29 10.63 8.91 20.63
N LEU A 30 11.94 8.81 20.45
CA LEU A 30 12.58 7.48 20.53
C LEU A 30 12.94 7.01 21.96
N LYS A 31 12.62 7.80 22.99
CA LYS A 31 12.96 7.41 24.37
C LYS A 31 12.16 6.25 24.95
N GLU A 32 10.84 6.24 24.74
CA GLU A 32 9.99 5.31 25.48
C GLU A 32 8.82 4.68 24.69
N GLU A 33 9.12 4.02 23.58
CA GLU A 33 8.23 2.97 23.01
C GLU A 33 6.73 3.20 23.19
N PHE A 34 6.28 4.41 22.87
CA PHE A 34 5.04 4.94 23.45
C PHE A 34 3.76 4.28 22.98
N SER A 35 2.72 4.51 23.78
CA SER A 35 1.36 4.28 23.39
C SER A 35 1.11 4.98 22.05
N ALA A 36 0.43 4.30 21.14
CA ALA A 36 0.08 4.86 19.82
C ALA A 36 -0.68 6.18 19.91
N GLU A 37 -1.48 6.33 20.96
CA GLU A 37 -2.32 7.51 21.16
C GLU A 37 -1.67 8.59 22.04
N GLU A 38 -0.53 8.27 22.63
CA GLU A 38 0.33 9.24 23.34
C GLU A 38 1.41 9.84 22.41
N ASN A 39 1.83 9.06 21.40
CA ASN A 39 2.58 9.61 20.25
C ASN A 39 1.85 10.83 19.62
N PHE A 40 0.52 10.80 19.60
CA PHE A 40 -0.24 11.95 19.15
C PHE A 40 -0.01 13.16 20.06
N LEU A 41 -0.15 12.96 21.36
CA LEU A 41 0.12 14.03 22.33
C LEU A 41 1.55 14.59 22.16
N ILE A 42 2.53 13.74 21.90
CA ILE A 42 3.93 14.19 21.77
C ILE A 42 4.10 15.03 20.51
N LEU A 43 3.65 14.47 19.39
CA LEU A 43 3.71 15.14 18.08
C LEU A 43 2.95 16.46 18.08
N THR A 44 1.80 16.46 18.71
CA THR A 44 0.99 17.65 18.90
C THR A 44 1.84 18.74 19.55
N GLU A 45 2.47 18.42 20.68
CA GLU A 45 3.34 19.35 21.43
C GLU A 45 4.50 19.90 20.60
N MET A 46 5.18 19.03 19.87
CA MET A 46 6.32 19.45 19.06
C MET A 46 5.91 20.53 18.05
N ALA A 47 4.83 20.22 17.31
CA ALA A 47 4.26 21.10 16.28
C ALA A 47 3.82 22.42 16.86
N THR A 48 3.22 22.36 18.05
CA THR A 48 2.91 23.56 18.82
C THR A 48 4.14 24.39 19.18
N ASN A 49 5.22 23.74 19.61
CA ASN A 49 6.46 24.45 19.91
C ASN A 49 7.14 24.97 18.62
N HIS A 50 7.05 24.18 17.54
CA HIS A 50 7.54 24.64 16.24
C HIS A 50 6.84 25.91 15.78
N VAL A 51 5.51 25.96 15.90
CA VAL A 51 4.72 27.11 15.44
C VAL A 51 5.15 28.38 16.20
N GLN A 52 5.28 28.25 17.51
CA GLN A 52 5.75 29.31 18.39
C GLN A 52 7.13 29.87 17.96
N VAL A 53 8.13 29.01 17.79
CA VAL A 53 9.46 29.46 17.34
C VAL A 53 9.42 29.99 15.90
N LEU A 54 8.50 29.43 15.08
CA LEU A 54 8.33 29.85 13.71
C LEU A 54 7.79 31.27 13.63
N VAL A 55 6.79 31.58 14.45
CA VAL A 55 6.23 32.95 14.52
C VAL A 55 7.31 33.98 14.85
N GLU A 56 8.06 33.69 15.90
CA GLU A 56 9.21 34.49 16.27
C GLU A 56 10.24 34.67 15.14
N PHE A 57 10.47 33.62 14.37
CA PHE A 57 11.44 33.60 13.27
C PHE A 57 10.97 34.49 12.14
N THR A 58 9.67 34.47 11.85
CA THR A 58 9.07 35.29 10.79
C THR A 58 9.07 36.78 11.13
N LYS A 59 8.82 37.11 12.39
CA LYS A 59 8.84 38.49 12.89
C LYS A 59 10.13 39.23 12.59
N LYS A 60 11.25 38.52 12.70
CA LYS A 60 12.57 39.10 12.50
C LYS A 60 13.07 39.08 11.04
N LEU A 61 12.23 38.72 10.07
CA LEU A 61 12.65 38.67 8.67
C LEU A 61 12.58 40.06 8.06
N PRO A 62 13.59 40.43 7.26
CA PRO A 62 13.56 41.77 6.67
C PRO A 62 12.55 41.85 5.53
N GLY A 63 11.65 42.84 5.51
CA GLY A 63 11.06 43.51 6.67
C GLY A 63 9.66 42.97 6.63
N PHE A 64 9.43 41.94 7.42
CA PHE A 64 8.14 41.29 7.53
C PHE A 64 7.05 42.18 8.14
N GLN A 65 7.46 43.08 9.03
CA GLN A 65 6.55 43.93 9.81
C GLN A 65 5.98 45.09 8.99
N THR A 66 6.69 45.49 7.92
CA THR A 66 6.18 46.49 6.94
C THR A 66 4.92 46.01 6.21
N LEU A 67 4.67 44.69 6.20
CA LEU A 67 3.45 44.13 5.58
C LEU A 67 2.19 44.37 6.40
N ASP A 68 1.08 44.31 5.68
CA ASP A 68 -0.26 44.41 6.24
C ASP A 68 -0.43 43.40 7.35
N HIS A 69 -1.04 43.80 8.45
CA HIS A 69 -1.14 42.95 9.65
C HIS A 69 -2.17 41.82 9.56
N GLU A 70 -2.88 41.75 8.44
CA GLU A 70 -3.74 40.59 8.10
C GLU A 70 -3.15 39.70 6.97
N ASP A 71 -2.18 40.24 6.21
CA ASP A 71 -1.36 39.47 5.26
C ASP A 71 -0.28 38.65 5.99
N GLN A 72 0.17 39.14 7.14
CA GLN A 72 1.06 38.36 8.03
C GLN A 72 0.38 37.07 8.53
N ILE A 73 -0.92 37.17 8.78
CA ILE A 73 -1.72 36.02 9.20
C ILE A 73 -1.91 35.07 8.02
N ALA A 74 -2.13 35.62 6.85
CA ALA A 74 -2.20 34.79 5.64
C ALA A 74 -0.89 34.04 5.40
N LEU A 75 0.22 34.79 5.43
CA LEU A 75 1.55 34.22 5.19
C LEU A 75 1.84 33.09 6.17
N LEU A 76 1.52 33.30 7.46
CA LEU A 76 1.83 32.34 8.52
C LEU A 76 1.08 31.05 8.33
N LYS A 77 -0.24 31.13 8.35
CA LYS A 77 -1.03 29.91 8.29
C LYS A 77 -1.04 29.30 6.88
N GLY A 78 -0.57 30.05 5.88
CA GLY A 78 -0.29 29.49 4.54
C GLY A 78 1.01 28.69 4.41
N SER A 79 1.96 28.94 5.32
CA SER A 79 3.28 28.30 5.31
C SER A 79 3.63 27.42 6.52
N ALA A 80 2.82 27.48 7.57
CA ALA A 80 3.13 26.77 8.81
C ALA A 80 3.39 25.30 8.56
N VAL A 81 2.46 24.63 7.90
CA VAL A 81 2.60 23.21 7.63
C VAL A 81 3.83 22.91 6.78
N GLU A 82 4.08 23.70 5.75
CA GLU A 82 5.23 23.46 4.86
C GLU A 82 6.55 23.66 5.59
N ALA A 83 6.60 24.70 6.40
CA ALA A 83 7.74 24.97 7.27
C ALA A 83 8.08 23.76 8.15
N MET A 84 7.03 23.13 8.67
CA MET A 84 7.20 22.02 9.61
C MET A 84 7.89 20.86 8.93
N PHE A 85 7.41 20.47 7.74
CA PHE A 85 7.92 19.28 7.06
C PHE A 85 9.35 19.47 6.66
N LEU A 86 9.69 20.67 6.25
CA LEU A 86 11.08 21.02 5.93
C LEU A 86 11.99 20.82 7.17
N ARG A 87 11.52 21.29 8.32
CA ARG A 87 12.24 21.13 9.58
C ARG A 87 12.33 19.69 10.08
N SER A 88 11.29 18.92 9.84
CA SER A 88 11.31 17.47 10.12
C SER A 88 12.35 16.78 9.25
N ALA A 89 12.37 17.16 7.98
CA ALA A 89 13.32 16.63 7.04
C ALA A 89 14.72 16.96 7.50
N GLU A 90 14.93 18.20 7.92
CA GLU A 90 16.20 18.57 8.54
C GLU A 90 16.58 17.68 9.72
N ILE A 91 15.61 17.38 10.57
CA ILE A 91 15.85 16.59 11.79
C ILE A 91 16.07 15.12 11.46
N PHE A 92 15.14 14.53 10.72
CA PHE A 92 15.24 13.12 10.31
C PHE A 92 16.57 12.71 9.66
N ASN A 93 17.15 13.61 8.86
CA ASN A 93 18.37 13.34 8.13
C ASN A 93 19.64 13.70 8.87
N LYS A 94 19.52 14.27 10.06
CA LYS A 94 20.69 14.52 10.90
C LYS A 94 21.15 13.15 11.44
N LYS A 95 22.46 12.89 11.35
CA LYS A 95 23.02 11.55 11.70
C LYS A 95 22.75 11.13 13.16
N LEU A 96 22.42 9.86 13.33
CA LEU A 96 22.01 9.29 14.61
C LEU A 96 22.84 8.06 14.95
N PRO A 97 22.67 7.51 16.17
CA PRO A 97 23.30 6.24 16.49
C PRO A 97 22.85 5.04 15.63
N SER A 98 23.55 3.92 15.78
CA SER A 98 23.26 2.69 15.03
C SER A 98 21.89 2.15 15.42
N GLY A 99 20.98 2.07 14.45
CA GLY A 99 19.61 1.56 14.68
C GLY A 99 18.56 2.56 15.10
N HIS A 100 19.00 3.71 15.63
CA HIS A 100 18.10 4.78 16.11
C HIS A 100 17.30 5.46 15.00
N SER A 101 17.95 5.62 13.83
CA SER A 101 17.34 6.21 12.65
C SER A 101 16.10 5.42 12.25
N ASP A 102 16.25 4.12 12.03
CA ASP A 102 15.13 3.25 11.62
C ASP A 102 14.06 3.18 12.69
N LEU A 103 14.48 3.16 13.95
CA LEU A 103 13.55 3.13 15.08
C LEU A 103 12.66 4.37 15.13
N LEU A 104 13.19 5.52 14.74
CA LEU A 104 12.42 6.74 14.69
C LEU A 104 11.35 6.60 13.61
N GLU A 105 11.77 6.17 12.42
CA GLU A 105 10.89 5.97 11.26
C GLU A 105 9.69 5.14 11.67
N GLU A 106 9.94 3.97 12.26
CA GLU A 106 8.86 3.04 12.58
C GLU A 106 7.97 3.52 13.73
N ARG A 107 8.51 4.32 14.62
CA ARG A 107 7.70 4.91 15.68
C ARG A 107 6.73 5.95 15.12
N ILE A 108 7.15 6.72 14.12
CA ILE A 108 6.27 7.69 13.46
C ILE A 108 5.20 6.94 12.69
N ARG A 109 5.58 5.85 12.01
CA ARG A 109 4.64 4.98 11.28
C ARG A 109 3.59 4.39 12.22
N ASN A 110 4.02 4.05 13.43
CA ASN A 110 3.12 3.64 14.52
C ASN A 110 2.64 4.89 15.28
N SER A 111 1.85 5.72 14.61
CA SER A 111 1.18 6.87 15.26
C SER A 111 -0.30 7.05 14.91
N GLY A 112 -0.88 6.10 14.17
CA GLY A 112 -2.28 6.20 13.75
C GLY A 112 -2.50 6.96 12.46
N ILE A 113 -1.52 7.73 12.02
CA ILE A 113 -1.55 8.36 10.70
C ILE A 113 -1.41 7.25 9.66
N SER A 114 -2.11 7.39 8.55
CA SER A 114 -2.17 6.36 7.52
C SER A 114 -0.87 6.28 6.70
N ASP A 115 -0.61 5.09 6.14
CA ASP A 115 0.50 4.89 5.22
C ASP A 115 0.32 5.67 3.92
N GLU A 116 -0.94 5.95 3.57
CA GLU A 116 -1.31 6.92 2.53
C GLU A 116 -0.46 8.19 2.61
N TYR A 117 -0.40 8.76 3.80
CA TYR A 117 0.31 10.01 4.03
C TYR A 117 1.76 9.86 4.52
N ILE A 118 2.06 8.74 5.18
CA ILE A 118 3.36 8.52 5.80
C ILE A 118 4.45 8.16 4.79
N THR A 119 4.15 7.30 3.83
CA THR A 119 5.14 6.90 2.83
C THR A 119 5.65 8.11 2.02
N PRO A 120 4.76 9.02 1.56
CA PRO A 120 5.20 10.28 0.94
C PRO A 120 6.15 11.12 1.77
N MET A 121 5.96 11.19 3.08
CA MET A 121 6.87 11.96 3.94
C MET A 121 8.29 11.46 3.89
N PHE A 122 8.46 10.17 4.19
CA PHE A 122 9.78 9.56 4.33
C PHE A 122 10.49 9.56 2.97
N SER A 123 9.71 9.45 1.91
CA SER A 123 10.24 9.66 0.58
C SER A 123 10.71 11.12 0.36
N PHE A 124 9.96 12.11 0.85
CA PHE A 124 10.39 13.52 0.80
C PHE A 124 11.61 13.81 1.68
N TYR A 125 11.64 13.20 2.87
CA TYR A 125 12.79 13.29 3.78
C TYR A 125 14.02 12.63 3.18
N LYS A 126 13.85 11.43 2.62
CA LYS A 126 14.93 10.79 1.87
C LYS A 126 15.37 11.64 0.69
N SER A 127 14.41 12.31 0.06
CA SER A 127 14.69 13.24 -1.04
C SER A 127 15.62 14.39 -0.69
N ILE A 128 15.27 15.17 0.33
CA ILE A 128 16.12 16.32 0.70
C ILE A 128 17.43 15.89 1.38
N GLY A 129 17.43 14.67 1.93
CA GLY A 129 18.62 14.06 2.51
C GLY A 129 19.69 13.95 1.46
N GLU A 130 19.36 13.37 0.32
CA GLU A 130 20.30 13.28 -0.80
C GLU A 130 20.79 14.62 -1.39
N LEU A 131 20.12 15.72 -1.05
CA LEU A 131 20.65 17.05 -1.39
C LEU A 131 21.77 17.53 -0.46
N LYS A 132 22.01 16.81 0.64
CA LYS A 132 23.10 17.11 1.56
C LYS A 132 23.13 18.64 1.75
N MET A 133 22.01 19.17 2.24
CA MET A 133 21.83 20.61 2.45
C MET A 133 22.57 21.04 3.71
N THR A 134 23.12 22.25 3.68
CA THR A 134 23.72 22.89 4.87
C THR A 134 22.62 23.53 5.66
N GLN A 135 22.94 23.86 6.91
CA GLN A 135 22.01 24.55 7.81
C GLN A 135 21.55 25.87 7.22
N GLU A 136 22.42 26.50 6.47
CA GLU A 136 22.13 27.81 5.95
C GLU A 136 21.08 27.70 4.85
N GLU A 137 21.30 26.73 3.95
CA GLU A 137 20.38 26.43 2.87
C GLU A 137 19.00 26.09 3.40
N TYR A 138 18.94 25.27 4.46
CA TYR A 138 17.66 24.98 5.16
C TYR A 138 16.89 26.23 5.61
N ALA A 139 17.59 27.15 6.26
CA ALA A 139 16.97 28.28 6.90
C ALA A 139 16.52 29.34 5.88
N LEU A 140 17.37 29.61 4.89
CA LEU A 140 16.98 30.43 3.74
C LEU A 140 15.80 29.86 2.95
N LEU A 141 15.77 28.54 2.80
CA LEU A 141 14.68 27.87 2.13
C LEU A 141 13.40 27.91 2.96
N THR A 142 13.51 27.73 4.26
CA THR A 142 12.36 27.93 5.14
C THR A 142 11.83 29.36 4.98
N ALA A 143 12.72 30.36 5.03
CA ALA A 143 12.33 31.77 4.86
C ALA A 143 11.60 32.03 3.52
N ILE A 144 12.10 31.41 2.46
CA ILE A 144 11.45 31.47 1.13
C ILE A 144 10.08 30.78 1.11
N VAL A 145 9.91 29.72 1.91
CA VAL A 145 8.59 29.07 2.08
C VAL A 145 7.60 30.05 2.69
N ILE A 146 8.00 30.70 3.79
CA ILE A 146 7.13 31.66 4.53
C ILE A 146 6.71 32.89 3.70
N LEU A 147 7.66 33.52 3.02
CA LEU A 147 7.39 34.70 2.19
C LEU A 147 7.03 34.29 0.77
N SER A 148 6.03 33.41 0.66
CA SER A 148 5.56 32.92 -0.64
C SER A 148 4.39 33.79 -1.04
N PRO A 149 4.47 34.50 -2.19
CA PRO A 149 3.45 35.49 -2.53
C PRO A 149 2.10 34.91 -2.99
N ASP A 150 2.04 33.62 -3.26
CA ASP A 150 0.87 32.97 -3.84
C ASP A 150 0.04 32.22 -2.80
N ARG A 151 0.03 32.72 -1.57
CA ARG A 151 -0.85 32.17 -0.54
C ARG A 151 -2.25 32.75 -0.62
N GLN A 152 -3.17 32.12 0.10
CA GLN A 152 -4.57 32.51 0.10
C GLN A 152 -4.77 33.74 0.97
N TYR A 153 -5.76 34.55 0.62
CA TYR A 153 -6.10 35.80 1.33
C TYR A 153 -5.00 36.87 1.37
N ILE A 154 -3.99 36.77 0.51
CA ILE A 154 -2.89 37.74 0.45
C ILE A 154 -3.42 38.98 -0.29
N LYS A 155 -3.79 40.00 0.47
CA LYS A 155 -4.31 41.25 -0.06
C LYS A 155 -3.32 42.02 -0.95
N ASP A 156 -2.03 42.02 -0.56
CA ASP A 156 -0.98 42.72 -1.32
C ASP A 156 0.16 41.75 -1.70
N ARG A 157 0.04 41.14 -2.88
CA ARG A 157 0.97 40.07 -3.31
C ARG A 157 2.33 40.61 -3.68
N GLU A 158 2.34 41.77 -4.36
CA GLU A 158 3.58 42.39 -4.86
C GLU A 158 4.55 42.79 -3.73
N ALA A 159 4.02 43.09 -2.55
CA ALA A 159 4.85 43.42 -1.37
C ALA A 159 5.70 42.23 -0.93
N VAL A 160 5.03 41.08 -0.80
CA VAL A 160 5.63 39.81 -0.39
C VAL A 160 6.71 39.38 -1.37
N GLU A 161 6.40 39.47 -2.67
CA GLU A 161 7.34 39.14 -3.75
C GLU A 161 8.68 39.79 -3.52
N LYS A 162 8.66 41.10 -3.35
CA LYS A 162 9.88 41.89 -3.26
C LYS A 162 10.65 41.68 -1.95
N LEU A 163 9.96 41.20 -0.91
CA LEU A 163 10.62 40.68 0.27
C LEU A 163 11.33 39.36 -0.01
N GLN A 164 10.69 38.49 -0.77
CA GLN A 164 11.26 37.17 -1.07
C GLN A 164 12.52 37.26 -1.95
N GLU A 165 12.54 38.18 -2.91
CA GLU A 165 13.65 38.30 -3.85
C GLU A 165 15.05 38.20 -3.23
N PRO A 166 15.39 39.10 -2.26
CA PRO A 166 16.73 39.07 -1.64
C PRO A 166 17.22 37.69 -1.22
N LEU A 167 16.34 36.93 -0.60
CA LEU A 167 16.68 35.61 -0.05
C LEU A 167 17.05 34.59 -1.14
N LEU A 168 16.31 34.65 -2.25
CA LEU A 168 16.59 33.81 -3.40
C LEU A 168 17.99 34.04 -3.99
N ASP A 169 18.44 35.31 -4.01
CA ASP A 169 19.79 35.69 -4.53
C ASP A 169 20.91 35.14 -3.65
N VAL A 170 20.70 35.23 -2.34
CA VAL A 170 21.65 34.66 -1.37
C VAL A 170 21.72 33.15 -1.53
N LEU A 171 20.54 32.52 -1.62
CA LEU A 171 20.46 31.07 -1.70
C LEU A 171 21.08 30.54 -2.98
N GLN A 172 20.93 31.31 -4.06
CA GLN A 172 21.58 31.02 -5.35
C GLN A 172 23.10 31.02 -5.14
N LYS A 173 23.62 32.14 -4.64
CA LYS A 173 25.05 32.29 -4.42
C LYS A 173 25.62 31.22 -3.49
N LEU A 174 24.94 30.99 -2.36
CA LEU A 174 25.34 29.93 -1.42
C LEU A 174 25.40 28.56 -2.07
N CYS A 175 24.45 28.26 -2.97
CA CYS A 175 24.40 26.98 -3.65
C CYS A 175 25.64 26.78 -4.52
N LYS A 176 26.00 27.84 -5.27
CA LYS A 176 27.24 27.88 -6.08
C LYS A 176 28.47 27.50 -5.23
N ILE A 177 28.57 28.18 -4.08
CA ILE A 177 29.69 28.04 -3.15
C ILE A 177 29.77 26.64 -2.51
N HIS A 178 28.76 26.32 -1.71
CA HIS A 178 28.78 25.09 -0.92
C HIS A 178 28.65 23.84 -1.80
N GLN A 179 27.98 23.96 -2.94
CA GLN A 179 27.84 22.86 -3.90
C GLN A 179 28.05 23.32 -5.36
N PRO A 180 29.33 23.49 -5.78
CA PRO A 180 29.65 23.57 -7.21
C PRO A 180 29.79 22.19 -7.89
N GLU A 181 29.75 21.11 -7.08
CA GLU A 181 29.71 19.72 -7.57
C GLU A 181 28.40 19.51 -8.33
N ASN A 182 27.30 19.90 -7.68
CA ASN A 182 25.95 19.88 -8.26
C ASN A 182 25.64 21.30 -8.84
N PRO A 183 25.83 21.52 -10.17
CA PRO A 183 25.61 22.88 -10.72
C PRO A 183 24.15 23.38 -10.69
N GLN A 184 23.20 22.44 -10.71
CA GLN A 184 21.76 22.71 -10.63
C GLN A 184 21.16 22.44 -9.25
N HIS A 185 21.94 22.66 -8.20
CA HIS A 185 21.48 22.45 -6.82
C HIS A 185 20.47 23.50 -6.37
N PHE A 186 20.62 24.72 -6.86
CA PHE A 186 19.69 25.78 -6.52
C PHE A 186 18.32 25.43 -7.03
N ALA A 187 18.27 25.06 -8.30
CA ALA A 187 17.02 24.69 -8.94
C ALA A 187 16.44 23.44 -8.31
N CYS A 188 17.30 22.44 -8.04
CA CYS A 188 16.91 21.17 -7.37
C CYS A 188 16.12 21.50 -6.07
N LEU A 189 16.62 22.52 -5.36
CA LEU A 189 16.01 23.05 -4.12
C LEU A 189 14.60 23.62 -4.31
N LEU A 190 14.46 24.54 -5.25
CA LEU A 190 13.16 25.15 -5.51
C LEU A 190 12.18 24.09 -5.94
N GLY A 191 12.71 23.02 -6.52
CA GLY A 191 11.95 21.81 -6.83
C GLY A 191 11.23 21.28 -5.62
N ARG A 192 11.91 21.27 -4.48
CA ARG A 192 11.31 20.76 -3.22
C ARG A 192 10.16 21.64 -2.73
N LEU A 193 10.28 22.96 -2.94
CA LEU A 193 9.15 23.85 -2.62
C LEU A 193 7.83 23.34 -3.18
N THR A 194 7.86 22.96 -4.45
CA THR A 194 6.68 22.35 -5.12
C THR A 194 6.13 21.17 -4.33
N GLU A 195 7.02 20.27 -3.94
CA GLU A 195 6.63 19.02 -3.35
C GLU A 195 6.04 19.25 -1.98
N LEU A 196 6.47 20.32 -1.31
CA LEU A 196 5.92 20.74 -0.02
C LEU A 196 4.46 21.20 -0.08
N ARG A 197 4.01 21.67 -1.24
CA ARG A 197 2.61 22.10 -1.44
C ARG A 197 1.62 20.96 -1.36
N THR A 198 2.05 19.74 -1.69
CA THR A 198 1.19 18.56 -1.59
C THR A 198 0.95 18.20 -0.13
N PHE A 199 1.91 18.54 0.74
CA PHE A 199 1.74 18.33 2.18
C PHE A 199 0.74 19.31 2.71
N ASN A 200 0.87 20.55 2.29
CA ASN A 200 -0.07 21.61 2.65
C ASN A 200 -1.50 21.20 2.28
N HIS A 201 -1.67 20.73 1.05
CA HIS A 201 -2.98 20.38 0.52
C HIS A 201 -3.65 19.27 1.35
N HIS A 202 -2.93 18.17 1.54
CA HIS A 202 -3.47 17.01 2.24
C HIS A 202 -3.53 17.07 3.77
N HIS A 203 -2.78 17.98 4.39
CA HIS A 203 -2.63 18.00 5.87
C HIS A 203 -3.97 17.95 6.59
N ALA A 204 -4.87 18.85 6.23
CA ALA A 204 -6.22 18.87 6.81
C ALA A 204 -6.85 17.47 6.75
N GLU A 205 -6.89 16.89 5.55
CA GLU A 205 -7.43 15.54 5.31
C GLU A 205 -6.69 14.40 6.05
N MET A 206 -5.40 14.60 6.34
CA MET A 206 -4.57 13.60 7.04
C MET A 206 -4.96 13.51 8.50
N LEU A 207 -5.04 14.67 9.13
CA LEU A 207 -5.41 14.77 10.54
C LEU A 207 -6.83 14.23 10.81
N MET A 208 -7.78 14.62 9.97
CA MET A 208 -9.18 14.16 10.05
C MET A 208 -9.38 12.67 9.71
N SER A 209 -8.41 12.06 9.04
CA SER A 209 -8.37 10.59 8.86
C SER A 209 -7.50 9.88 9.91
N TRP A 210 -7.16 10.59 10.98
CA TRP A 210 -6.61 10.02 12.23
C TRP A 210 -5.07 9.98 12.29
N LYS A 216 -8.50 16.76 21.90
CA LYS A 216 -7.45 16.46 20.93
C LYS A 216 -6.41 17.61 20.75
N PHE A 217 -6.67 18.56 19.85
CA PHE A 217 -5.64 19.54 19.43
C PHE A 217 -5.50 20.68 20.38
N THR A 218 -4.32 21.29 20.37
CA THR A 218 -4.03 22.49 21.18
C THR A 218 -4.73 23.69 20.53
N PRO A 219 -4.93 24.77 21.31
CA PRO A 219 -5.54 25.98 20.75
C PRO A 219 -4.80 26.58 19.54
N LEU A 220 -3.48 26.75 19.65
CA LEU A 220 -2.68 27.35 18.59
C LEU A 220 -2.77 26.51 17.28
N LEU A 221 -2.79 25.18 17.44
CA LEU A 221 -2.92 24.25 16.28
C LEU A 221 -4.29 24.28 15.58
N CYS A 222 -5.39 24.23 16.33
CA CYS A 222 -6.76 24.50 15.80
C CYS A 222 -6.79 25.71 14.84
N GLU A 223 -6.07 26.75 15.25
CA GLU A 223 -6.10 28.07 14.61
C GLU A 223 -5.27 28.12 13.33
N ILE A 224 -3.99 27.77 13.46
CA ILE A 224 -3.03 27.89 12.35
C ILE A 224 -3.14 26.76 11.32
N TRP A 225 -3.75 25.63 11.69
CA TRP A 225 -3.96 24.49 10.77
C TRP A 225 -5.42 24.32 10.27
N ASP A 226 -6.35 25.10 10.83
CA ASP A 226 -7.81 25.00 10.57
C ASP A 226 -8.37 23.60 10.83
N VAL A 227 -8.23 23.17 12.08
CA VAL A 227 -8.61 21.81 12.50
C VAL A 227 -9.33 21.81 13.84
N GLN A 228 -10.00 20.70 14.16
CA GLN A 228 -10.64 20.53 15.47
C GLN A 228 -10.90 19.05 15.78
N GLU B 6 -12.90 -7.58 22.54
CA GLU B 6 -13.59 -7.88 23.84
C GLU B 6 -12.52 -7.99 24.98
N ARG B 7 -12.70 -8.91 25.93
CA ARG B 7 -11.66 -9.26 26.94
C ARG B 7 -10.42 -9.98 26.34
N ILE B 8 -10.29 -9.95 25.01
CA ILE B 8 -9.27 -10.69 24.23
C ILE B 8 -7.91 -9.98 24.23
N LEU B 9 -7.93 -8.65 24.13
CA LEU B 9 -6.69 -7.85 24.21
C LEU B 9 -6.08 -7.94 25.62
N GLU B 10 -6.92 -8.11 26.63
CA GLU B 10 -6.41 -8.28 28.00
C GLU B 10 -5.50 -9.48 28.04
N ALA B 11 -6.03 -10.63 27.62
CA ALA B 11 -5.26 -11.87 27.52
C ALA B 11 -3.92 -11.69 26.80
N GLU B 12 -3.89 -10.90 25.72
CA GLU B 12 -2.64 -10.62 24.98
C GLU B 12 -1.59 -9.81 25.79
N LEU B 13 -2.05 -8.75 26.47
CA LEU B 13 -1.17 -7.93 27.31
C LEU B 13 -0.83 -8.65 28.62
N ALA B 14 -1.81 -9.33 29.22
CA ALA B 14 -1.62 -10.07 30.49
C ALA B 14 -0.77 -11.36 30.39
N VAL B 15 -0.06 -11.53 29.26
CA VAL B 15 1.01 -12.53 29.12
C VAL B 15 2.25 -12.00 28.37
N GLU B 16 2.45 -10.68 28.38
CA GLU B 16 3.54 -9.99 27.67
C GLU B 16 3.47 -10.21 26.17
N PRO B 37 20.97 -22.86 18.50
CA PRO B 37 20.38 -21.93 17.50
C PRO B 37 18.95 -22.36 17.13
N VAL B 38 18.82 -23.65 16.81
CA VAL B 38 17.56 -24.39 16.86
C VAL B 38 17.17 -24.59 18.32
N THR B 39 18.15 -25.04 19.13
CA THR B 39 17.99 -25.28 20.57
C THR B 39 17.49 -24.06 21.33
N ASN B 40 17.98 -22.88 20.96
CA ASN B 40 17.53 -21.64 21.57
C ASN B 40 16.05 -21.37 21.36
N ILE B 41 15.57 -21.72 20.17
CA ILE B 41 14.16 -21.54 19.81
C ILE B 41 13.27 -22.55 20.53
N CYS B 42 13.66 -23.82 20.52
CA CYS B 42 13.03 -24.89 21.30
C CYS B 42 12.99 -24.64 22.80
N GLN B 43 14.06 -24.07 23.36
CA GLN B 43 14.05 -23.60 24.75
C GLN B 43 12.92 -22.60 24.90
N ALA B 44 12.94 -21.56 24.06
CA ALA B 44 11.93 -20.51 24.12
C ALA B 44 10.50 -21.04 23.89
N ALA B 45 10.35 -22.05 23.04
CA ALA B 45 9.04 -22.68 22.80
C ALA B 45 8.49 -23.35 24.03
N ASP B 46 9.35 -24.02 24.78
CA ASP B 46 8.94 -24.71 25.99
C ASP B 46 8.55 -23.73 27.11
N LYS B 47 9.37 -22.71 27.30
CA LYS B 47 9.03 -21.61 28.22
C LYS B 47 7.61 -21.19 27.88
N GLN B 48 7.41 -20.78 26.62
CA GLN B 48 6.19 -20.12 26.20
C GLN B 48 4.92 -20.98 26.14
N LEU B 49 5.06 -22.31 26.14
CA LEU B 49 3.90 -23.20 26.22
C LEU B 49 3.13 -23.07 27.56
N PHE B 50 3.85 -22.77 28.64
CA PHE B 50 3.26 -22.56 29.94
C PHE B 50 2.47 -21.28 29.94
N THR B 51 3.09 -20.20 29.47
CA THR B 51 2.39 -18.92 29.28
C THR B 51 1.12 -19.09 28.42
N LEU B 52 1.21 -19.92 27.39
CA LEU B 52 0.09 -20.18 26.48
C LEU B 52 -1.20 -20.67 27.16
N VAL B 53 -1.07 -21.64 28.06
CA VAL B 53 -2.25 -22.16 28.79
C VAL B 53 -2.92 -21.07 29.66
N GLU B 54 -2.10 -20.19 30.25
CA GLU B 54 -2.63 -19.07 31.05
C GLU B 54 -3.32 -18.05 30.12
N TRP B 55 -2.80 -17.87 28.91
CA TRP B 55 -3.45 -17.06 27.86
C TRP B 55 -4.82 -17.61 27.40
N ALA B 56 -4.91 -18.93 27.27
CA ALA B 56 -6.10 -19.61 26.76
C ALA B 56 -7.31 -19.51 27.69
N LYS B 57 -7.07 -19.63 29.01
CA LYS B 57 -8.13 -19.42 30.02
C LYS B 57 -8.68 -17.99 29.96
N ARG B 58 -7.80 -17.03 29.66
CA ARG B 58 -8.14 -15.60 29.56
C ARG B 58 -8.92 -15.20 28.30
N ILE B 59 -9.04 -16.10 27.34
CA ILE B 59 -9.92 -15.90 26.17
C ILE B 59 -11.34 -16.33 26.57
N PRO B 60 -12.34 -15.45 26.34
CA PRO B 60 -13.72 -15.68 26.71
C PRO B 60 -14.22 -17.07 26.40
N HIS B 61 -15.07 -17.60 27.26
CA HIS B 61 -15.74 -18.89 27.03
C HIS B 61 -14.82 -20.09 26.78
N PHE B 62 -13.50 -19.94 26.85
CA PHE B 62 -12.60 -21.06 26.55
C PHE B 62 -12.65 -22.07 27.70
N SER B 63 -12.42 -21.56 28.92
CA SER B 63 -12.41 -22.37 30.14
C SER B 63 -13.74 -23.08 30.37
N GLU B 64 -14.83 -22.42 29.95
CA GLU B 64 -16.20 -22.94 30.11
C GLU B 64 -16.49 -24.19 29.25
N LEU B 65 -15.70 -24.41 28.20
CA LEU B 65 -15.75 -25.67 27.42
C LEU B 65 -15.48 -26.91 28.29
N PRO B 66 -15.74 -28.12 27.74
CA PRO B 66 -15.26 -29.35 28.38
C PRO B 66 -13.75 -29.39 28.49
N LEU B 67 -13.26 -30.28 29.33
CA LEU B 67 -11.84 -30.33 29.69
C LEU B 67 -10.97 -30.99 28.63
N ASP B 68 -11.42 -32.15 28.18
CA ASP B 68 -10.77 -32.88 27.10
C ASP B 68 -10.84 -32.13 25.75
N ASP B 69 -11.79 -31.21 25.63
CA ASP B 69 -11.89 -30.31 24.46
C ASP B 69 -10.85 -29.17 24.47
N GLN B 70 -10.56 -28.65 25.67
CA GLN B 70 -9.48 -27.67 25.85
C GLN B 70 -8.12 -28.31 25.57
N VAL B 71 -7.95 -29.55 26.02
CA VAL B 71 -6.76 -30.32 25.73
C VAL B 71 -6.54 -30.45 24.24
N ILE B 72 -7.58 -30.82 23.49
CA ILE B 72 -7.46 -31.04 22.05
C ILE B 72 -7.15 -29.75 21.28
N LEU B 73 -7.84 -28.65 21.61
CA LEU B 73 -7.58 -27.36 20.97
C LEU B 73 -6.14 -26.87 21.14
N LEU B 74 -5.67 -26.82 22.38
CA LEU B 74 -4.29 -26.40 22.68
C LEU B 74 -3.21 -27.31 22.10
N ARG B 75 -3.42 -28.62 22.22
CA ARG B 75 -2.49 -29.61 21.71
C ARG B 75 -2.43 -29.63 20.17
N ALA B 76 -3.50 -29.19 19.53
CA ALA B 76 -3.56 -29.14 18.09
C ALA B 76 -2.92 -27.86 17.54
N GLY B 77 -3.27 -26.71 18.13
CA GLY B 77 -2.85 -25.40 17.60
C GLY B 77 -1.71 -24.68 18.33
N TRP B 78 -1.02 -25.36 19.23
CA TRP B 78 0.03 -24.70 19.98
C TRP B 78 1.10 -24.08 19.08
N ASN B 79 1.47 -24.78 18.01
CA ASN B 79 2.60 -24.38 17.16
C ASN B 79 2.29 -23.10 16.42
N GLU B 80 1.08 -23.02 15.88
CA GLU B 80 0.66 -21.85 15.12
C GLU B 80 0.59 -20.65 16.06
N LEU B 81 -0.09 -20.83 17.18
CA LEU B 81 -0.24 -19.81 18.23
C LEU B 81 1.09 -19.21 18.62
N LEU B 82 2.05 -20.04 19.01
CA LEU B 82 3.38 -19.54 19.37
C LEU B 82 4.01 -18.79 18.23
N ILE B 83 4.04 -19.41 17.05
CA ILE B 83 4.54 -18.76 15.82
C ILE B 83 3.91 -17.37 15.55
N ALA B 84 2.61 -17.25 15.77
CA ALA B 84 1.88 -15.97 15.59
C ALA B 84 2.41 -14.91 16.57
N SER B 85 2.49 -15.28 17.85
CA SER B 85 2.86 -14.31 18.90
C SER B 85 4.35 -13.90 18.92
N PHE B 86 5.26 -14.77 18.46
CA PHE B 86 6.68 -14.39 18.28
C PHE B 86 6.89 -13.63 17.00
N SER B 87 6.12 -13.94 15.97
CA SER B 87 6.17 -13.19 14.70
C SER B 87 5.76 -11.74 14.86
N HIS B 88 4.84 -11.46 15.78
CA HIS B 88 4.41 -10.09 16.05
C HIS B 88 5.38 -9.30 16.96
N ARG B 89 5.97 -10.00 17.93
CA ARG B 89 7.08 -9.47 18.73
C ARG B 89 8.26 -9.04 17.83
N SER B 90 8.51 -9.79 16.76
CA SER B 90 9.71 -9.61 15.95
C SER B 90 9.63 -8.44 14.94
N ILE B 91 8.52 -7.70 14.90
CA ILE B 91 8.40 -6.51 14.03
C ILE B 91 9.47 -5.45 14.35
N ALA B 92 9.83 -5.32 15.64
CA ALA B 92 10.87 -4.41 16.06
C ALA B 92 12.16 -4.67 15.26
N VAL B 93 12.72 -5.87 15.40
CA VAL B 93 13.98 -6.25 14.70
C VAL B 93 13.75 -6.58 13.23
N LYS B 94 14.83 -6.74 12.47
CA LYS B 94 14.81 -7.67 11.33
C LYS B 94 16.17 -8.34 11.03
N ASP B 95 16.27 -8.90 9.82
CA ASP B 95 17.08 -10.06 9.50
C ASP B 95 16.94 -11.17 10.55
N GLY B 96 15.74 -11.32 11.10
CA GLY B 96 15.51 -12.28 12.19
C GLY B 96 14.30 -12.12 13.08
N ILE B 97 14.29 -12.97 14.11
CA ILE B 97 13.19 -13.10 15.07
C ILE B 97 13.67 -12.84 16.50
N LEU B 98 12.78 -12.33 17.33
CA LEU B 98 13.08 -12.11 18.73
C LEU B 98 12.34 -13.15 19.58
N LEU B 99 13.11 -13.99 20.27
CA LEU B 99 12.54 -15.02 21.14
C LEU B 99 12.08 -14.42 22.48
N ALA B 100 11.24 -15.15 23.19
CA ALA B 100 10.70 -14.72 24.49
C ALA B 100 11.76 -14.78 25.61
N THR B 101 12.83 -15.54 25.39
CA THR B 101 14.00 -15.55 26.26
C THR B 101 14.98 -14.38 26.00
N GLY B 102 14.57 -13.37 25.23
CA GLY B 102 15.38 -12.18 25.00
C GLY B 102 16.46 -12.34 23.94
N LEU B 103 16.63 -13.53 23.37
CA LEU B 103 17.63 -13.71 22.32
C LEU B 103 17.09 -13.29 20.95
N HIS B 104 17.99 -12.74 20.14
CA HIS B 104 17.75 -12.50 18.73
C HIS B 104 18.33 -13.69 17.98
N VAL B 105 17.55 -14.31 17.10
CA VAL B 105 18.06 -15.31 16.18
C VAL B 105 18.11 -14.69 14.78
N HIS B 106 19.33 -14.59 14.24
CA HIS B 106 19.60 -13.92 12.96
C HIS B 106 19.45 -14.89 11.80
N ARG B 107 18.78 -14.40 10.76
CA ARG B 107 18.60 -15.06 9.47
C ARG B 107 19.78 -15.87 8.95
N ASN B 108 20.97 -15.28 9.00
CA ASN B 108 22.21 -15.93 8.54
C ASN B 108 22.57 -17.16 9.37
N SER B 109 22.48 -16.98 10.70
CA SER B 109 22.61 -18.08 11.65
C SER B 109 21.58 -19.20 11.42
N ALA B 110 20.37 -18.83 11.00
CA ALA B 110 19.33 -19.80 10.65
C ALA B 110 19.75 -20.59 9.42
N HIS B 111 20.25 -19.90 8.39
CA HIS B 111 20.66 -20.60 7.15
C HIS B 111 21.77 -21.61 7.40
N SER B 112 22.75 -21.24 8.21
CA SER B 112 23.87 -22.16 8.52
C SER B 112 23.42 -23.36 9.37
N ALA B 113 22.40 -23.17 10.21
CA ALA B 113 21.82 -24.28 11.01
C ALA B 113 20.97 -25.30 10.21
N GLY B 114 20.79 -25.05 8.92
CA GLY B 114 20.06 -25.96 8.02
C GLY B 114 18.66 -25.48 7.70
N VAL B 115 18.25 -24.41 8.38
CA VAL B 115 16.83 -24.08 8.57
C VAL B 115 16.47 -22.73 7.94
N GLY B 116 17.13 -22.40 6.84
CA GLY B 116 17.00 -21.09 6.22
C GLY B 116 15.65 -20.88 5.53
N ALA B 117 15.24 -21.88 4.76
CA ALA B 117 14.02 -21.83 3.94
C ALA B 117 12.75 -21.52 4.74
N ILE B 118 12.53 -22.29 5.81
CA ILE B 118 11.35 -22.09 6.68
C ILE B 118 11.46 -20.78 7.51
N PHE B 119 12.66 -20.47 7.96
CA PHE B 119 12.93 -19.18 8.61
C PHE B 119 12.59 -17.91 7.76
N ASP B 120 13.00 -17.89 6.48
CA ASP B 120 12.69 -16.77 5.55
C ASP B 120 11.21 -16.64 5.27
N ARG B 121 10.56 -17.79 5.12
CA ARG B 121 9.10 -17.84 4.91
C ARG B 121 8.34 -17.22 6.09
N VAL B 122 8.85 -17.43 7.31
CA VAL B 122 8.25 -16.82 8.50
C VAL B 122 8.34 -15.30 8.41
N LEU B 123 9.51 -14.84 7.96
CA LEU B 123 9.84 -13.42 7.83
C LEU B 123 9.05 -12.69 6.75
N THR B 124 8.93 -13.33 5.58
CA THR B 124 8.23 -12.76 4.42
C THR B 124 6.72 -12.78 4.62
N GLU B 125 6.19 -13.95 4.93
CA GLU B 125 4.75 -14.13 5.06
C GLU B 125 4.15 -13.74 6.41
N LEU B 126 4.95 -13.69 7.48
CA LEU B 126 4.42 -13.27 8.80
C LEU B 126 5.01 -11.96 9.30
N VAL B 127 6.30 -11.90 9.55
CA VAL B 127 6.86 -10.73 10.24
C VAL B 127 6.67 -9.46 9.40
N SER B 128 7.10 -9.54 8.15
CA SER B 128 7.05 -8.41 7.23
C SER B 128 5.63 -7.93 6.95
N LYS B 129 4.75 -8.84 6.55
CA LYS B 129 3.33 -8.51 6.34
C LYS B 129 2.66 -7.92 7.58
N MET B 130 2.97 -8.45 8.76
CA MET B 130 2.41 -7.94 10.00
C MET B 130 2.78 -6.47 10.20
N ARG B 131 4.08 -6.20 10.17
CA ARG B 131 4.62 -4.85 10.23
C ARG B 131 4.02 -3.92 9.16
N ASP B 132 4.10 -4.33 7.90
CA ASP B 132 3.66 -3.50 6.77
C ASP B 132 2.20 -3.09 6.84
N MET B 133 1.35 -3.96 7.37
CA MET B 133 -0.05 -3.59 7.59
C MET B 133 -0.29 -2.97 8.98
N GLN B 134 0.80 -2.63 9.70
CA GLN B 134 0.77 -2.19 11.11
C GLN B 134 -0.32 -2.92 11.90
N MET B 135 -0.13 -4.24 11.99
CA MET B 135 -1.01 -5.13 12.75
C MET B 135 -0.89 -4.86 14.26
N ASP B 136 -2.03 -4.57 14.90
CA ASP B 136 -2.04 -4.30 16.35
C ASP B 136 -2.36 -5.54 17.18
N LYS B 137 -2.16 -5.43 18.49
CA LYS B 137 -2.33 -6.57 19.41
C LYS B 137 -3.77 -7.09 19.59
N THR B 138 -4.77 -6.27 19.27
CA THR B 138 -6.18 -6.74 19.29
C THR B 138 -6.44 -7.71 18.12
N GLU B 139 -5.89 -7.35 16.96
CA GLU B 139 -6.00 -8.16 15.75
C GLU B 139 -5.30 -9.50 15.97
N LEU B 140 -4.08 -9.44 16.52
CA LEU B 140 -3.31 -10.64 16.87
C LEU B 140 -4.08 -11.59 17.78
N GLY B 141 -4.54 -11.05 18.92
CA GLY B 141 -5.37 -11.81 19.88
C GLY B 141 -6.60 -12.45 19.25
N CYS B 142 -7.22 -11.75 18.31
CA CYS B 142 -8.37 -12.28 17.57
C CYS B 142 -8.03 -13.37 16.54
N LEU B 143 -6.95 -13.19 15.79
CA LEU B 143 -6.47 -14.24 14.90
C LEU B 143 -6.08 -15.50 15.69
N ARG B 144 -5.33 -15.32 16.78
CA ARG B 144 -4.95 -16.48 17.63
C ARG B 144 -6.15 -17.11 18.31
N ALA B 145 -7.16 -16.29 18.61
CA ALA B 145 -8.39 -16.78 19.21
C ALA B 145 -9.09 -17.70 18.22
N ILE B 146 -9.06 -17.32 16.95
CA ILE B 146 -9.63 -18.14 15.89
C ILE B 146 -8.86 -19.46 15.76
N VAL B 147 -7.54 -19.36 15.54
CA VAL B 147 -6.64 -20.54 15.46
C VAL B 147 -6.89 -21.55 16.61
N LEU B 148 -7.09 -21.00 17.81
CA LEU B 148 -7.41 -21.79 18.99
C LEU B 148 -8.71 -22.54 18.82
N PHE B 149 -9.75 -21.80 18.43
CA PHE B 149 -11.08 -22.38 18.20
C PHE B 149 -11.13 -23.01 16.80
N ASN B 150 -10.47 -24.15 16.65
CA ASN B 150 -10.38 -24.87 15.38
C ASN B 150 -11.32 -26.07 15.41
N PRO B 151 -12.53 -25.92 14.81
CA PRO B 151 -13.46 -27.04 14.82
C PRO B 151 -13.01 -28.25 14.03
N ASP B 152 -12.05 -28.09 13.12
CA ASP B 152 -11.49 -29.22 12.37
C ASP B 152 -10.64 -30.21 13.20
N SER B 153 -10.25 -29.82 14.41
CA SER B 153 -9.42 -30.63 15.30
C SER B 153 -10.06 -31.98 15.55
N LYS B 154 -9.26 -33.04 15.39
CA LYS B 154 -9.77 -34.40 15.49
C LYS B 154 -10.28 -34.75 16.89
N GLY B 155 -11.28 -35.62 16.92
CA GLY B 155 -11.86 -36.14 18.14
C GLY B 155 -12.57 -35.18 19.06
N LEU B 156 -12.85 -33.94 18.63
CA LEU B 156 -13.54 -32.95 19.50
C LEU B 156 -14.90 -33.51 19.93
N SER B 157 -15.36 -33.18 21.14
CA SER B 157 -16.66 -33.70 21.64
C SER B 157 -17.82 -33.03 20.91
N ASN B 158 -17.82 -31.71 20.92
CA ASN B 158 -18.87 -30.91 20.28
C ASN B 158 -18.25 -29.82 19.36
N PRO B 159 -17.90 -30.21 18.12
CA PRO B 159 -17.39 -29.28 17.11
C PRO B 159 -18.24 -28.03 16.90
N ALA B 160 -19.58 -28.16 17.00
CA ALA B 160 -20.48 -27.02 16.82
C ALA B 160 -20.21 -25.91 17.84
N GLU B 161 -20.09 -26.29 19.12
CA GLU B 161 -19.72 -25.33 20.18
C GLU B 161 -18.50 -24.53 19.76
N VAL B 162 -17.46 -25.23 19.35
CA VAL B 162 -16.19 -24.60 18.94
C VAL B 162 -16.46 -23.66 17.78
N GLU B 163 -17.05 -24.22 16.71
CA GLU B 163 -17.37 -23.46 15.50
C GLU B 163 -18.17 -22.18 15.82
N ALA B 164 -19.15 -22.31 16.73
CA ALA B 164 -19.95 -21.17 17.20
C ALA B 164 -19.08 -20.07 17.83
N LEU B 165 -18.18 -20.48 18.72
CA LEU B 165 -17.25 -19.54 19.37
C LEU B 165 -16.34 -18.82 18.37
N ARG B 166 -15.81 -19.58 17.41
CA ARG B 166 -14.99 -19.01 16.33
C ARG B 166 -15.72 -17.88 15.61
N GLU B 167 -17.00 -18.12 15.27
CA GLU B 167 -17.79 -17.09 14.55
C GLU B 167 -18.09 -15.85 15.39
N LYS B 168 -18.17 -16.03 16.71
CA LYS B 168 -18.25 -14.89 17.61
C LYS B 168 -16.99 -14.03 17.44
N VAL B 169 -15.83 -14.69 17.37
CA VAL B 169 -14.55 -13.97 17.19
C VAL B 169 -14.50 -13.28 15.82
N TYR B 170 -14.98 -13.97 14.78
CA TYR B 170 -15.03 -13.40 13.43
C TYR B 170 -15.86 -12.12 13.42
N ALA B 171 -17.05 -12.22 14.01
CA ALA B 171 -17.99 -11.10 14.13
C ALA B 171 -17.34 -9.89 14.78
N SER B 172 -16.82 -10.12 15.98
CA SER B 172 -16.18 -9.08 16.79
C SER B 172 -14.93 -8.49 16.14
N LEU B 173 -14.16 -9.32 15.43
CA LEU B 173 -12.96 -8.84 14.75
C LEU B 173 -13.33 -7.92 13.60
N GLU B 174 -14.43 -8.25 12.91
CA GLU B 174 -14.92 -7.41 11.84
C GLU B 174 -15.52 -6.11 12.37
N ALA B 175 -16.32 -6.23 13.45
CA ALA B 175 -16.80 -5.07 14.19
C ALA B 175 -15.65 -4.12 14.49
N TYR B 176 -14.61 -4.66 15.12
CA TYR B 176 -13.41 -3.89 15.47
C TYR B 176 -12.75 -3.21 14.24
N CYS B 177 -12.59 -3.96 13.14
CA CYS B 177 -11.89 -3.44 11.94
C CYS B 177 -12.64 -2.30 11.22
N LYS B 178 -13.97 -2.32 11.29
CA LYS B 178 -14.80 -1.30 10.62
C LYS B 178 -14.78 0.04 11.36
N HIS B 179 -14.81 0.00 12.69
CA HIS B 179 -14.72 1.21 13.51
C HIS B 179 -13.31 1.74 13.54
N LYS B 180 -12.35 0.89 13.89
CA LYS B 180 -10.95 1.27 14.04
C LYS B 180 -10.23 1.62 12.73
N TYR B 181 -10.64 1.02 11.61
CA TYR B 181 -10.03 1.32 10.30
C TYR B 181 -11.10 1.39 9.19
N PRO B 182 -11.87 2.52 9.13
CA PRO B 182 -12.90 2.69 8.11
C PRO B 182 -12.41 2.94 6.67
N GLU B 183 -11.21 3.50 6.49
CA GLU B 183 -10.64 3.70 5.15
C GLU B 183 -9.90 2.46 4.58
N GLN B 184 -10.10 1.30 5.21
CA GLN B 184 -9.70 0.00 4.66
C GLN B 184 -10.77 -1.05 5.01
N PRO B 185 -11.83 -1.15 4.19
CA PRO B 185 -12.87 -2.18 4.35
C PRO B 185 -12.37 -3.62 4.12
N GLY B 186 -11.32 -3.74 3.30
CA GLY B 186 -10.66 -5.02 3.04
C GLY B 186 -9.47 -5.32 3.92
N ARG B 187 -9.45 -4.76 5.14
CA ARG B 187 -8.48 -5.13 6.17
C ARG B 187 -8.87 -6.49 6.78
N PHE B 188 -10.10 -6.56 7.29
CA PHE B 188 -10.66 -7.77 7.91
C PHE B 188 -10.36 -9.06 7.14
N ALA B 189 -10.50 -9.03 5.83
CA ALA B 189 -10.16 -10.16 4.97
C ALA B 189 -8.65 -10.39 4.94
N LYS B 190 -7.88 -9.32 4.78
CA LYS B 190 -6.41 -9.41 4.68
C LYS B 190 -5.72 -9.92 5.96
N LEU B 191 -6.40 -9.73 7.08
CA LEU B 191 -6.03 -10.33 8.34
C LEU B 191 -6.25 -11.83 8.28
N LEU B 192 -7.46 -12.23 7.94
CA LEU B 192 -7.82 -13.65 7.91
C LEU B 192 -6.98 -14.50 6.93
N LEU B 193 -6.51 -13.87 5.85
CA LEU B 193 -5.55 -14.49 4.91
C LEU B 193 -4.13 -14.77 5.42
N ARG B 194 -3.77 -14.29 6.60
CA ARG B 194 -2.54 -14.76 7.28
C ARG B 194 -2.67 -16.18 7.81
N LEU B 195 -3.91 -16.60 8.10
CA LEU B 195 -4.16 -17.92 8.68
C LEU B 195 -3.73 -19.10 7.80
N PRO B 196 -4.09 -19.07 6.50
CA PRO B 196 -3.55 -20.14 5.63
C PRO B 196 -2.02 -20.22 5.57
N ALA B 197 -1.36 -19.08 5.38
CA ALA B 197 0.10 -18.99 5.41
C ALA B 197 0.63 -19.47 6.75
N LEU B 198 -0.03 -19.05 7.83
CA LEU B 198 0.34 -19.49 9.19
C LEU B 198 0.27 -21.02 9.34
N ARG B 199 -0.82 -21.63 8.84
CA ARG B 199 -1.04 -23.08 8.82
C ARG B 199 0.08 -23.84 8.09
N SER B 200 0.37 -23.41 6.86
CA SER B 200 1.41 -24.05 6.04
C SER B 200 2.79 -23.97 6.67
N ILE B 201 3.12 -22.84 7.29
CA ILE B 201 4.39 -22.71 8.04
C ILE B 201 4.42 -23.60 9.27
N GLY B 202 3.33 -23.56 10.02
CA GLY B 202 3.10 -24.43 11.18
C GLY B 202 3.30 -25.91 10.95
N LEU B 203 2.83 -26.42 9.81
CA LEU B 203 2.99 -27.81 9.47
C LEU B 203 4.43 -28.13 9.09
N LYS B 204 5.09 -27.17 8.45
CA LYS B 204 6.53 -27.29 8.12
C LYS B 204 7.42 -27.21 9.35
N CYS B 205 7.08 -26.33 10.28
CA CYS B 205 7.79 -26.30 11.56
C CYS B 205 7.60 -27.53 12.43
N LEU B 206 6.44 -28.19 12.34
CA LEU B 206 6.26 -29.49 12.99
C LEU B 206 7.07 -30.59 12.30
N GLU B 207 7.17 -30.53 10.98
CA GLU B 207 7.98 -31.51 10.24
C GLU B 207 9.42 -31.48 10.76
N HIS B 208 9.98 -30.28 10.83
CA HIS B 208 11.35 -30.05 11.32
C HIS B 208 11.55 -30.59 12.74
N LEU B 209 10.59 -30.29 13.63
CA LEU B 209 10.66 -30.68 15.05
C LEU B 209 10.61 -32.18 15.27
N PHE B 210 9.69 -32.84 14.60
CA PHE B 210 9.60 -34.31 14.64
C PHE B 210 10.91 -34.94 14.19
N PHE B 211 11.53 -34.36 13.17
CA PHE B 211 12.83 -34.80 12.70
C PHE B 211 13.90 -34.54 13.76
N PHE B 212 13.94 -33.30 14.29
CA PHE B 212 14.87 -32.94 15.39
C PHE B 212 14.70 -33.76 16.67
N LYS B 213 13.48 -34.15 16.98
CA LYS B 213 13.22 -35.07 18.09
C LYS B 213 13.81 -36.45 17.83
N LEU B 214 13.59 -37.01 16.64
CA LEU B 214 13.92 -38.41 16.36
C LEU B 214 15.35 -38.69 15.86
N ILE B 215 16.15 -37.67 15.58
CA ILE B 215 17.62 -37.86 15.41
C ILE B 215 18.33 -37.76 16.77
N GLY B 216 17.64 -37.22 17.78
CA GLY B 216 18.24 -36.86 19.06
C GLY B 216 18.84 -35.47 18.90
N ASP B 217 20.08 -35.31 19.35
CA ASP B 217 20.91 -34.10 19.06
C ASP B 217 20.40 -32.72 19.55
N THR B 218 19.20 -32.63 20.12
CA THR B 218 18.59 -31.34 20.48
C THR B 218 17.93 -31.43 21.86
N PRO B 219 18.40 -30.59 22.82
CA PRO B 219 17.68 -30.45 24.08
C PRO B 219 16.23 -30.01 23.81
N ILE B 220 15.32 -30.96 23.87
CA ILE B 220 13.89 -30.69 23.82
C ILE B 220 13.41 -30.91 25.26
N ASP B 221 12.84 -29.86 25.86
CA ASP B 221 12.49 -29.88 27.29
C ASP B 221 11.12 -30.54 27.45
N THR B 222 10.66 -30.64 28.69
CA THR B 222 9.60 -31.56 29.06
C THR B 222 8.20 -31.30 28.47
N PHE B 223 7.80 -30.03 28.33
CA PHE B 223 6.43 -29.67 27.89
C PHE B 223 6.36 -29.53 26.36
N LEU B 224 7.47 -29.16 25.72
CA LEU B 224 7.57 -29.26 24.28
C LEU B 224 7.58 -30.73 23.84
N MET B 225 8.28 -31.58 24.58
CA MET B 225 8.32 -33.01 24.28
C MET B 225 6.92 -33.63 24.39
N GLU B 226 6.19 -33.26 25.44
CA GLU B 226 4.83 -33.77 25.64
C GLU B 226 3.96 -33.42 24.43
N MET B 227 4.06 -32.18 23.94
CA MET B 227 3.28 -31.73 22.76
C MET B 227 3.59 -32.48 21.45
N LEU B 228 4.81 -33.01 21.35
CA LEU B 228 5.22 -33.88 20.24
C LEU B 228 5.28 -35.35 20.68
N HIS C 1 -0.54 -37.32 28.73
CA HIS C 1 -0.86 -35.87 28.47
C HIS C 1 -0.93 -35.02 29.78
N LYS C 2 -0.02 -35.28 30.73
CA LYS C 2 -0.17 -34.77 32.15
C LYS C 2 0.10 -33.28 32.52
N ILE C 3 1.18 -32.66 32.04
CA ILE C 3 1.43 -31.23 32.34
C ILE C 3 0.25 -30.32 31.96
N LEU C 4 -0.26 -30.51 30.74
CA LEU C 4 -1.35 -29.70 30.17
C LEU C 4 -2.68 -29.89 30.90
N HIS C 5 -2.97 -31.13 31.31
CA HIS C 5 -4.15 -31.43 32.13
C HIS C 5 -4.11 -30.61 33.44
N ARG C 6 -2.89 -30.44 33.99
CA ARG C 6 -2.69 -29.89 35.33
C ARG C 6 -2.84 -28.39 35.37
N LEU C 7 -2.30 -27.73 34.36
CA LEU C 7 -2.36 -26.26 34.28
C LEU C 7 -3.77 -25.80 33.85
N LEU C 8 -4.38 -26.59 32.98
CA LEU C 8 -5.81 -26.54 32.70
C LEU C 8 -6.65 -26.86 33.94
N GLN C 9 -6.25 -27.93 34.64
CA GLN C 9 -6.91 -28.49 35.85
C GLN C 9 -8.42 -28.76 35.73
N HIS D 1 -5.76 35.14 13.29
CA HIS D 1 -6.85 34.89 14.27
C HIS D 1 -6.38 35.15 15.72
N LYS D 2 -7.12 34.64 16.72
CA LYS D 2 -7.09 35.12 18.12
C LYS D 2 -5.75 35.07 18.89
N ILE D 3 -5.24 33.86 19.19
CA ILE D 3 -3.91 33.64 19.87
C ILE D 3 -2.82 34.23 19.01
N LEU D 4 -2.81 33.69 17.80
CA LEU D 4 -1.89 33.96 16.75
C LEU D 4 -1.80 35.45 16.44
N HIS D 5 -2.94 36.15 16.40
CA HIS D 5 -2.93 37.62 16.28
C HIS D 5 -2.49 38.19 17.64
N ARG D 6 -1.18 38.06 17.86
CA ARG D 6 -0.45 38.48 19.05
C ARG D 6 -0.71 37.59 20.24
N LEU E 1 -23.70 -5.13 -6.74
CA LEU E 1 -22.23 -5.13 -7.08
C LEU E 1 -21.97 -4.58 -8.48
N THR E 2 -20.96 -3.70 -8.62
CA THR E 2 -20.72 -2.91 -9.87
C THR E 2 -20.79 -3.75 -11.17
N PRO E 3 -21.35 -3.17 -12.27
CA PRO E 3 -21.28 -3.75 -13.62
C PRO E 3 -19.87 -4.13 -14.13
N ASP E 4 -18.83 -3.55 -13.55
CA ASP E 4 -17.46 -3.97 -13.87
C ASP E 4 -17.10 -5.26 -13.13
N GLN E 5 -17.40 -5.30 -11.82
CA GLN E 5 -17.30 -6.54 -11.00
C GLN E 5 -18.23 -7.66 -11.48
N GLN E 6 -19.42 -7.27 -11.91
CA GLN E 6 -20.44 -8.20 -12.40
C GLN E 6 -20.07 -8.85 -13.75
N THR E 7 -19.28 -8.15 -14.57
CA THR E 7 -18.85 -8.70 -15.89
C THR E 7 -17.60 -9.58 -15.73
N LEU E 8 -16.71 -9.18 -14.83
CA LEU E 8 -15.58 -9.99 -14.38
C LEU E 8 -16.02 -11.38 -13.86
N LEU E 9 -17.05 -11.38 -13.02
CA LEU E 9 -17.70 -12.60 -12.51
C LEU E 9 -18.17 -13.56 -13.61
N HIS E 10 -18.72 -13.00 -14.70
CA HIS E 10 -19.24 -13.80 -15.83
C HIS E 10 -18.17 -14.59 -16.58
N PHE E 11 -16.98 -14.00 -16.75
CA PHE E 11 -15.86 -14.71 -17.39
C PHE E 11 -15.39 -15.88 -16.52
N ILE E 12 -15.29 -15.65 -15.21
CA ILE E 12 -15.03 -16.71 -14.25
C ILE E 12 -16.05 -17.85 -14.35
N MET E 13 -17.35 -17.52 -14.23
CA MET E 13 -18.43 -18.52 -14.34
C MET E 13 -18.50 -19.27 -15.67
N ASP E 14 -18.22 -18.57 -16.77
CA ASP E 14 -18.13 -19.15 -18.12
C ASP E 14 -16.95 -20.13 -18.18
N SER E 15 -15.79 -19.66 -17.71
CA SER E 15 -14.56 -20.45 -17.65
C SER E 15 -14.70 -21.69 -16.74
N TYR E 16 -15.25 -21.49 -15.54
CA TYR E 16 -15.53 -22.58 -14.58
C TYR E 16 -16.44 -23.67 -15.15
N ASN E 17 -17.41 -23.28 -15.98
CA ASN E 17 -18.43 -24.22 -16.48
C ASN E 17 -17.90 -25.17 -17.57
N LYS E 18 -16.68 -24.92 -18.04
CA LYS E 18 -15.96 -25.88 -18.92
C LYS E 18 -15.51 -27.18 -18.24
N GLN E 19 -15.65 -27.29 -16.92
CA GLN E 19 -15.33 -28.53 -16.18
C GLN E 19 -16.33 -29.64 -16.52
N ARG E 20 -15.91 -30.88 -16.31
CA ARG E 20 -16.79 -32.05 -16.35
C ARG E 20 -17.90 -31.88 -15.34
N MET E 21 -19.12 -32.28 -15.72
CA MET E 21 -20.29 -32.18 -14.85
C MET E 21 -20.02 -33.01 -13.60
N PRO E 22 -20.64 -32.65 -12.46
CA PRO E 22 -20.55 -33.50 -11.28
C PRO E 22 -20.94 -34.94 -11.57
N GLN E 23 -22.08 -35.10 -12.25
CA GLN E 23 -22.62 -36.39 -12.59
C GLN E 23 -21.60 -37.26 -13.30
N GLU E 24 -20.83 -36.66 -14.19
CA GLU E 24 -19.83 -37.38 -14.96
C GLU E 24 -18.83 -38.04 -14.04
N ILE E 25 -18.29 -37.22 -13.13
CA ILE E 25 -17.30 -37.67 -12.17
C ILE E 25 -17.94 -38.74 -11.28
N THR E 26 -18.96 -38.36 -10.52
CA THR E 26 -19.82 -39.24 -9.71
C THR E 26 -19.89 -40.60 -10.38
N ASN E 27 -20.45 -40.62 -11.61
CA ASN E 27 -20.63 -41.85 -12.43
C ASN E 27 -19.39 -42.72 -12.53
N LYS E 28 -18.27 -42.16 -12.96
CA LYS E 28 -17.04 -42.94 -13.22
C LYS E 28 -16.62 -43.82 -12.02
N ILE E 29 -16.87 -43.34 -10.80
CA ILE E 29 -16.47 -44.06 -9.60
C ILE E 29 -17.53 -45.03 -9.05
N LEU E 30 -18.76 -44.58 -8.86
CA LEU E 30 -19.80 -45.44 -8.26
C LEU E 30 -20.40 -46.50 -9.22
N LYS E 31 -19.90 -46.55 -10.47
CA LYS E 31 -20.46 -47.40 -11.51
C LYS E 31 -20.37 -48.89 -11.16
N GLU E 32 -19.13 -49.33 -10.97
CA GLU E 32 -18.80 -50.74 -10.80
C GLU E 32 -17.81 -50.81 -9.66
N GLU E 33 -18.17 -51.45 -8.55
CA GLU E 33 -17.24 -51.69 -7.42
C GLU E 33 -15.91 -52.28 -7.94
N PHE E 34 -14.97 -51.40 -8.23
CA PHE E 34 -13.83 -51.72 -9.10
C PHE E 34 -12.75 -52.51 -8.40
N SER E 35 -11.85 -53.05 -9.23
CA SER E 35 -10.52 -53.46 -8.78
C SER E 35 -9.88 -52.28 -8.03
N ALA E 36 -9.43 -52.49 -6.80
CA ALA E 36 -8.76 -51.45 -6.00
C ALA E 36 -7.55 -50.78 -6.73
N GLU E 37 -6.83 -51.55 -7.55
CA GLU E 37 -5.68 -51.06 -8.35
C GLU E 37 -6.09 -50.36 -9.66
N GLU E 38 -7.34 -50.51 -10.08
CA GLU E 38 -7.93 -49.76 -11.22
C GLU E 38 -8.61 -48.46 -10.76
N ASN E 39 -9.17 -48.45 -9.54
CA ASN E 39 -9.56 -47.20 -8.87
C ASN E 39 -8.44 -46.17 -8.93
N PHE E 40 -7.19 -46.62 -8.84
CA PHE E 40 -6.04 -45.74 -9.06
C PHE E 40 -6.02 -45.16 -10.49
N LEU E 41 -6.22 -46.00 -11.51
CA LEU E 41 -6.24 -45.54 -12.93
C LEU E 41 -7.34 -44.53 -13.20
N ILE E 42 -8.51 -44.74 -12.61
CA ILE E 42 -9.64 -43.81 -12.74
C ILE E 42 -9.31 -42.45 -12.10
N LEU E 43 -9.02 -42.49 -10.80
CA LEU E 43 -8.72 -41.29 -9.98
C LEU E 43 -7.58 -40.45 -10.53
N THR E 44 -6.55 -41.16 -10.98
CA THR E 44 -5.42 -40.57 -11.70
C THR E 44 -5.89 -39.77 -12.93
N GLU E 45 -6.79 -40.36 -13.73
CA GLU E 45 -7.33 -39.72 -14.94
C GLU E 45 -8.16 -38.48 -14.63
N MET E 46 -9.07 -38.59 -13.66
CA MET E 46 -9.90 -37.47 -13.20
C MET E 46 -9.08 -36.26 -12.83
N ALA E 47 -8.05 -36.50 -12.01
CA ALA E 47 -7.14 -35.46 -11.54
C ALA E 47 -6.39 -34.83 -12.71
N THR E 48 -6.01 -35.66 -13.67
CA THR E 48 -5.32 -35.21 -14.87
C THR E 48 -6.20 -34.33 -15.75
N ASN E 49 -7.48 -34.69 -15.89
CA ASN E 49 -8.42 -33.84 -16.60
C ASN E 49 -8.72 -32.58 -15.81
N HIS E 50 -8.76 -32.68 -14.47
CA HIS E 50 -9.00 -31.51 -13.61
C HIS E 50 -7.87 -30.49 -13.72
N VAL E 51 -6.63 -30.96 -13.77
CA VAL E 51 -5.48 -30.07 -13.93
C VAL E 51 -5.57 -29.34 -15.26
N GLN E 52 -5.89 -30.09 -16.33
CA GLN E 52 -6.04 -29.51 -17.68
C GLN E 52 -7.08 -28.36 -17.75
N VAL E 53 -8.27 -28.59 -17.19
CA VAL E 53 -9.31 -27.56 -17.16
C VAL E 53 -8.93 -26.40 -16.21
N LEU E 54 -8.20 -26.72 -15.14
CA LEU E 54 -7.76 -25.72 -14.17
C LEU E 54 -6.74 -24.77 -14.78
N VAL E 55 -5.77 -25.32 -15.52
CA VAL E 55 -4.78 -24.52 -16.22
C VAL E 55 -5.48 -23.50 -17.14
N GLU E 56 -6.43 -23.99 -17.94
CA GLU E 56 -7.29 -23.17 -18.82
C GLU E 56 -8.11 -22.10 -18.08
N PHE E 57 -8.59 -22.44 -16.89
CA PHE E 57 -9.35 -21.55 -16.01
C PHE E 57 -8.48 -20.41 -15.45
N THR E 58 -7.24 -20.72 -15.08
CA THR E 58 -6.31 -19.71 -14.53
C THR E 58 -5.85 -18.71 -15.59
N LYS E 59 -5.57 -19.22 -16.80
CA LYS E 59 -5.21 -18.40 -18.00
C LYS E 59 -6.14 -17.23 -18.25
N LYS E 60 -7.43 -17.46 -18.08
CA LYS E 60 -8.45 -16.44 -18.28
C LYS E 60 -8.78 -15.62 -17.01
N LEU E 61 -7.92 -15.60 -16.00
CA LEU E 61 -8.21 -14.82 -14.78
C LEU E 61 -7.71 -13.39 -15.00
N PRO E 62 -8.45 -12.37 -14.49
CA PRO E 62 -8.09 -10.95 -14.75
C PRO E 62 -6.63 -10.61 -14.51
N GLY E 63 -5.92 -10.38 -15.61
CA GLY E 63 -4.48 -10.11 -15.57
C GLY E 63 -3.60 -11.21 -14.99
N PHE E 64 -3.97 -12.49 -15.17
CA PHE E 64 -3.04 -13.59 -14.89
C PHE E 64 -1.81 -13.57 -15.81
N GLN E 65 -2.02 -13.10 -17.04
CA GLN E 65 -0.98 -13.15 -18.09
C GLN E 65 0.03 -11.99 -17.97
N THR E 66 -0.32 -10.95 -17.19
CA THR E 66 0.63 -9.87 -16.83
C THR E 66 1.78 -10.35 -15.94
N LEU E 67 1.57 -11.44 -15.20
CA LEU E 67 2.59 -12.02 -14.29
C LEU E 67 3.74 -12.68 -15.03
N ASP E 68 4.85 -12.73 -14.30
CA ASP E 68 6.05 -13.48 -14.69
C ASP E 68 5.68 -14.92 -15.13
N HIS E 69 6.24 -15.37 -16.25
CA HIS E 69 5.92 -16.68 -16.83
C HIS E 69 6.54 -17.88 -16.06
N GLU E 70 7.35 -17.60 -15.03
CA GLU E 70 7.77 -18.62 -14.05
C GLU E 70 6.93 -18.58 -12.76
N ASP E 71 6.45 -17.40 -12.36
CA ASP E 71 5.49 -17.27 -11.24
C ASP E 71 4.12 -17.91 -11.52
N GLN E 72 3.69 -17.90 -12.78
CA GLN E 72 2.49 -18.65 -13.19
C GLN E 72 2.65 -20.14 -12.90
N ILE E 73 3.86 -20.65 -13.09
CA ILE E 73 4.15 -22.05 -12.83
C ILE E 73 4.13 -22.27 -11.32
N ALA E 74 4.72 -21.34 -10.57
CA ALA E 74 4.67 -21.39 -9.10
C ALA E 74 3.24 -21.44 -8.57
N LEU E 75 2.42 -20.47 -9.01
CA LEU E 75 1.01 -20.37 -8.61
C LEU E 75 0.16 -21.62 -8.91
N LEU E 76 0.42 -22.27 -10.04
CA LEU E 76 -0.35 -23.45 -10.44
C LEU E 76 0.01 -24.63 -9.54
N LYS E 77 1.27 -25.01 -9.52
CA LYS E 77 1.67 -26.18 -8.75
C LYS E 77 1.63 -25.96 -7.22
N GLY E 78 1.56 -24.70 -6.79
CA GLY E 78 1.22 -24.36 -5.41
C GLY E 78 -0.26 -24.49 -5.05
N SER E 79 -1.15 -24.40 -6.03
CA SER E 79 -2.62 -24.43 -5.82
C SER E 79 -3.36 -25.67 -6.36
N ALA E 80 -2.74 -26.39 -7.28
CA ALA E 80 -3.39 -27.49 -7.99
C ALA E 80 -4.10 -28.49 -7.08
N VAL E 81 -3.39 -28.93 -6.02
CA VAL E 81 -3.91 -29.89 -5.06
C VAL E 81 -5.05 -29.30 -4.28
N GLU E 82 -4.91 -28.07 -3.85
CA GLU E 82 -5.97 -27.39 -3.08
C GLU E 82 -7.20 -27.11 -3.91
N ALA E 83 -6.99 -26.75 -5.18
CA ALA E 83 -8.09 -26.60 -6.11
C ALA E 83 -8.91 -27.91 -6.27
N MET E 84 -8.19 -29.01 -6.39
CA MET E 84 -8.80 -30.32 -6.55
C MET E 84 -9.73 -30.71 -5.41
N PHE E 85 -9.28 -30.49 -4.18
CA PHE E 85 -10.07 -30.89 -3.01
C PHE E 85 -11.33 -30.07 -2.85
N LEU E 86 -11.24 -28.78 -3.17
CA LEU E 86 -12.42 -27.90 -3.18
C LEU E 86 -13.43 -28.35 -4.23
N ARG E 87 -12.93 -28.81 -5.38
CA ARG E 87 -13.78 -29.33 -6.45
C ARG E 87 -14.44 -30.64 -6.04
N SER E 88 -13.68 -31.48 -5.35
CA SER E 88 -14.18 -32.76 -4.82
C SER E 88 -15.28 -32.51 -3.81
N ALA E 89 -15.04 -31.53 -2.95
CA ALA E 89 -16.05 -31.11 -2.01
C ALA E 89 -17.33 -30.65 -2.72
N GLU E 90 -17.16 -29.78 -3.71
CA GLU E 90 -18.28 -29.37 -4.55
C GLU E 90 -19.06 -30.58 -5.09
N ILE E 91 -18.35 -31.56 -5.65
CA ILE E 91 -18.94 -32.74 -6.28
C ILE E 91 -19.57 -33.66 -5.28
N PHE E 92 -18.88 -33.94 -4.18
CA PHE E 92 -19.36 -34.83 -3.11
C PHE E 92 -20.69 -34.40 -2.49
N ASN E 93 -20.85 -33.09 -2.32
CA ASN E 93 -22.04 -32.51 -1.70
C ASN E 93 -23.20 -32.23 -2.62
N LYS E 94 -23.00 -32.38 -3.92
CA LYS E 94 -24.06 -32.23 -4.87
C LYS E 94 -25.03 -33.38 -4.64
N LYS E 95 -26.33 -33.05 -4.58
CA LYS E 95 -27.41 -34.00 -4.25
C LYS E 95 -27.35 -35.25 -5.11
N LEU E 96 -27.58 -36.40 -4.48
CA LEU E 96 -27.53 -37.70 -5.16
C LEU E 96 -28.77 -38.54 -4.79
N PRO E 97 -29.02 -39.64 -5.55
CA PRO E 97 -30.06 -40.58 -5.14
C PRO E 97 -29.85 -41.18 -3.75
N SER E 98 -30.89 -41.87 -3.28
CA SER E 98 -30.91 -42.47 -1.95
C SER E 98 -29.86 -43.57 -1.82
N GLY E 99 -28.91 -43.38 -0.90
CA GLY E 99 -27.82 -44.32 -0.67
C GLY E 99 -26.56 -44.12 -1.49
N HIS E 100 -26.67 -43.45 -2.65
CA HIS E 100 -25.53 -43.24 -3.55
C HIS E 100 -24.40 -42.42 -2.92
N SER E 101 -24.79 -41.47 -2.07
CA SER E 101 -23.85 -40.65 -1.28
C SER E 101 -22.91 -41.48 -0.43
N ASP E 102 -23.50 -42.36 0.37
CA ASP E 102 -22.75 -43.24 1.26
C ASP E 102 -21.97 -44.30 0.49
N LEU E 103 -22.46 -44.69 -0.68
CA LEU E 103 -21.74 -45.64 -1.57
C LEU E 103 -20.51 -45.00 -2.16
N LEU E 104 -20.60 -43.69 -2.43
CA LEU E 104 -19.51 -42.94 -2.99
C LEU E 104 -18.37 -42.83 -1.99
N GLU E 105 -18.74 -42.48 -0.75
CA GLU E 105 -17.82 -42.46 0.39
C GLU E 105 -17.02 -43.76 0.45
N GLU E 106 -17.74 -44.87 0.55
CA GLU E 106 -17.12 -46.16 0.79
C GLU E 106 -16.32 -46.69 -0.40
N ARG E 107 -16.69 -46.27 -1.61
CA ARG E 107 -15.90 -46.67 -2.77
C ARG E 107 -14.60 -45.91 -2.90
N ILE E 108 -14.53 -44.72 -2.30
CA ILE E 108 -13.28 -43.97 -2.17
C ILE E 108 -12.45 -44.58 -1.02
N ARG E 109 -13.10 -45.03 0.07
CA ARG E 109 -12.41 -45.73 1.16
C ARG E 109 -11.79 -47.04 0.74
N ASN E 110 -12.38 -47.64 -0.29
CA ASN E 110 -11.85 -48.79 -1.00
C ASN E 110 -11.01 -48.33 -2.22
N SER E 111 -9.92 -47.62 -1.96
CA SER E 111 -9.00 -47.24 -3.05
C SER E 111 -7.53 -47.34 -2.71
N GLY E 112 -7.19 -48.06 -1.64
CA GLY E 112 -5.80 -48.18 -1.20
C GLY E 112 -5.20 -47.03 -0.40
N ILE E 113 -5.83 -45.86 -0.46
CA ILE E 113 -5.45 -44.72 0.40
C ILE E 113 -5.88 -44.99 1.86
N SER E 114 -4.97 -44.74 2.80
CA SER E 114 -5.13 -45.05 4.24
C SER E 114 -6.19 -44.18 4.95
N ASP E 115 -6.85 -44.76 5.97
CA ASP E 115 -7.83 -44.05 6.82
C ASP E 115 -7.27 -42.77 7.45
N GLU E 116 -5.96 -42.79 7.73
CA GLU E 116 -5.16 -41.60 8.06
C GLU E 116 -5.61 -40.36 7.28
N TYR E 117 -5.56 -40.48 5.95
CA TYR E 117 -5.79 -39.38 5.03
C TYR E 117 -7.24 -39.24 4.64
N ILE E 118 -7.97 -40.36 4.65
CA ILE E 118 -9.34 -40.41 4.15
C ILE E 118 -10.33 -39.77 5.11
N THR E 119 -10.21 -40.04 6.40
CA THR E 119 -11.18 -39.48 7.33
C THR E 119 -11.21 -37.93 7.29
N PRO E 120 -10.02 -37.26 7.24
CA PRO E 120 -9.95 -35.80 7.12
C PRO E 120 -10.66 -35.18 5.91
N MET E 121 -10.64 -35.89 4.78
CA MET E 121 -11.34 -35.44 3.54
C MET E 121 -12.84 -35.31 3.72
N PHE E 122 -13.46 -36.42 4.11
CA PHE E 122 -14.89 -36.48 4.23
C PHE E 122 -15.35 -35.48 5.29
N SER E 123 -14.52 -35.29 6.31
CA SER E 123 -14.78 -34.27 7.31
C SER E 123 -14.73 -32.85 6.72
N PHE E 124 -13.74 -32.60 5.86
CA PHE E 124 -13.66 -31.33 5.15
C PHE E 124 -14.84 -31.17 4.18
N TYR E 125 -15.21 -32.27 3.51
CA TYR E 125 -16.32 -32.27 2.56
C TYR E 125 -17.62 -32.02 3.31
N LYS E 126 -17.86 -32.76 4.37
CA LYS E 126 -19.02 -32.48 5.23
C LYS E 126 -19.00 -31.03 5.73
N SER E 127 -17.80 -30.54 6.04
CA SER E 127 -17.58 -29.15 6.51
C SER E 127 -18.08 -28.08 5.54
N ILE E 128 -17.64 -28.15 4.29
CA ILE E 128 -18.04 -27.14 3.29
C ILE E 128 -19.46 -27.38 2.81
N GLY E 129 -19.96 -28.60 2.91
CA GLY E 129 -21.34 -28.94 2.62
C GLY E 129 -22.29 -28.15 3.49
N GLU E 130 -22.02 -28.12 4.79
CA GLU E 130 -22.84 -27.34 5.75
C GLU E 130 -22.78 -25.81 5.56
N LEU E 131 -21.86 -25.31 4.74
CA LEU E 131 -21.90 -23.93 4.27
C LEU E 131 -22.89 -23.65 3.12
N LYS E 132 -23.51 -24.71 2.57
CA LYS E 132 -24.50 -24.62 1.48
C LYS E 132 -24.05 -23.53 0.46
N MET E 133 -22.86 -23.75 -0.11
CA MET E 133 -22.24 -22.78 -1.02
C MET E 133 -22.92 -22.81 -2.38
N THR E 134 -22.99 -21.64 -3.02
CA THR E 134 -23.46 -21.55 -4.41
C THR E 134 -22.30 -21.84 -5.34
N GLN E 135 -22.62 -22.18 -6.59
CA GLN E 135 -21.60 -22.40 -7.62
C GLN E 135 -20.69 -21.20 -7.75
N GLU E 136 -21.24 -20.01 -7.55
CA GLU E 136 -20.48 -18.78 -7.74
C GLU E 136 -19.43 -18.64 -6.66
N GLU E 137 -19.86 -18.89 -5.43
CA GLU E 137 -18.99 -18.89 -4.29
C GLU E 137 -17.82 -19.87 -4.48
N TYR E 138 -18.14 -21.11 -4.86
CA TYR E 138 -17.13 -22.13 -5.21
C TYR E 138 -16.05 -21.64 -6.19
N ALA E 139 -16.48 -20.99 -7.26
CA ALA E 139 -15.58 -20.64 -8.35
C ALA E 139 -14.65 -19.46 -7.99
N LEU E 140 -15.21 -18.49 -7.28
CA LEU E 140 -14.44 -17.36 -6.75
C LEU E 140 -13.45 -17.82 -5.68
N LEU E 141 -13.92 -18.71 -4.80
CA LEU E 141 -13.06 -19.32 -3.80
C LEU E 141 -11.95 -20.17 -4.43
N THR E 142 -12.26 -20.86 -5.54
CA THR E 142 -11.21 -21.56 -6.32
C THR E 142 -10.21 -20.57 -6.89
N ALA E 143 -10.70 -19.46 -7.44
CA ALA E 143 -9.81 -18.43 -7.99
C ALA E 143 -8.92 -17.76 -6.92
N ILE E 144 -9.46 -17.60 -5.72
CA ILE E 144 -8.69 -17.08 -4.57
C ILE E 144 -7.61 -18.09 -4.10
N VAL E 145 -7.91 -19.39 -4.15
CA VAL E 145 -6.90 -20.42 -3.87
C VAL E 145 -5.70 -20.36 -4.83
N ILE E 146 -5.98 -20.12 -6.11
CA ILE E 146 -4.94 -20.07 -7.17
C ILE E 146 -4.05 -18.85 -7.08
N LEU E 147 -4.66 -17.68 -6.87
CA LEU E 147 -3.94 -16.40 -6.77
C LEU E 147 -3.55 -16.15 -5.31
N SER E 148 -2.86 -17.14 -4.73
CA SER E 148 -2.44 -17.05 -3.35
C SER E 148 -1.02 -16.54 -3.39
N PRO E 149 -0.78 -15.36 -2.76
CA PRO E 149 0.54 -14.76 -2.90
C PRO E 149 1.68 -15.45 -2.17
N ASP E 150 1.36 -16.36 -1.23
CA ASP E 150 2.36 -16.97 -0.33
C ASP E 150 2.81 -18.37 -0.74
N ARG E 151 2.81 -18.68 -2.02
CA ARG E 151 3.32 -19.97 -2.52
C ARG E 151 4.84 -19.93 -2.64
N GLN E 152 5.43 -21.11 -2.77
CA GLN E 152 6.88 -21.27 -2.92
C GLN E 152 7.36 -20.86 -4.31
N TYR E 153 8.54 -20.26 -4.37
CA TYR E 153 9.16 -19.80 -5.65
C TYR E 153 8.49 -18.58 -6.31
N ILE E 154 7.61 -17.88 -5.60
CA ILE E 154 6.95 -16.69 -6.15
C ILE E 154 7.97 -15.54 -6.12
N LYS E 155 8.56 -15.27 -7.28
CA LYS E 155 9.57 -14.22 -7.43
C LYS E 155 9.03 -12.81 -7.17
N ASP E 156 7.77 -12.55 -7.49
CA ASP E 156 7.15 -11.25 -7.27
C ASP E 156 5.77 -11.45 -6.61
N ARG E 157 5.75 -11.28 -5.29
CA ARG E 157 4.56 -11.58 -4.47
C ARG E 157 3.53 -10.46 -4.54
N GLU E 158 4.02 -9.22 -4.55
CA GLU E 158 3.14 -8.02 -4.58
C GLU E 158 2.17 -8.01 -5.76
N ALA E 159 2.63 -8.49 -6.93
CA ALA E 159 1.78 -8.63 -8.14
C ALA E 159 0.58 -9.55 -7.92
N VAL E 160 0.85 -10.74 -7.39
CA VAL E 160 -0.18 -11.76 -7.12
C VAL E 160 -1.22 -11.23 -6.13
N GLU E 161 -0.75 -10.60 -5.05
CA GLU E 161 -1.62 -9.92 -4.04
C GLU E 161 -2.71 -9.04 -4.66
N LYS E 162 -2.28 -8.13 -5.54
CA LYS E 162 -3.19 -7.16 -6.17
C LYS E 162 -4.15 -7.77 -7.22
N LEU E 163 -3.77 -8.90 -7.82
CA LEU E 163 -4.67 -9.66 -8.68
C LEU E 163 -5.75 -10.38 -7.88
N GLN E 164 -5.38 -10.92 -6.72
CA GLN E 164 -6.34 -11.57 -5.80
C GLN E 164 -7.35 -10.60 -5.22
N GLU E 165 -6.96 -9.35 -4.98
CA GLU E 165 -7.86 -8.34 -4.38
C GLU E 165 -9.31 -8.27 -4.97
N PRO E 166 -9.44 -7.91 -6.26
CA PRO E 166 -10.78 -7.82 -6.88
C PRO E 166 -11.74 -8.97 -6.54
N LEU E 167 -11.22 -10.18 -6.59
CA LEU E 167 -12.01 -11.40 -6.36
C LEU E 167 -12.55 -11.50 -4.93
N LEU E 168 -11.75 -11.02 -3.97
CA LEU E 168 -12.15 -11.02 -2.58
C LEU E 168 -13.35 -10.11 -2.34
N ASP E 169 -13.33 -8.92 -2.96
CA ASP E 169 -14.45 -7.92 -2.86
C ASP E 169 -15.76 -8.52 -3.36
N VAL E 170 -15.67 -9.17 -4.52
CA VAL E 170 -16.82 -9.80 -5.18
C VAL E 170 -17.42 -10.86 -4.26
N LEU E 171 -16.56 -11.77 -3.81
CA LEU E 171 -16.92 -12.87 -2.92
C LEU E 171 -17.50 -12.37 -1.59
N GLN E 172 -16.97 -11.26 -1.09
CA GLN E 172 -17.55 -10.58 0.06
C GLN E 172 -18.97 -10.13 -0.26
N LYS E 173 -19.14 -9.42 -1.38
CA LYS E 173 -20.46 -8.92 -1.82
C LYS E 173 -21.48 -10.02 -2.13
N LEU E 174 -21.02 -11.10 -2.77
CA LEU E 174 -21.84 -12.28 -3.06
C LEU E 174 -22.30 -13.02 -1.80
N CYS E 175 -21.45 -13.04 -0.77
CA CYS E 175 -21.77 -13.70 0.48
C CYS E 175 -22.92 -12.98 1.19
N LYS E 176 -22.80 -11.64 1.31
CA LYS E 176 -23.87 -10.76 1.80
C LYS E 176 -25.23 -11.11 1.14
N ILE E 177 -25.21 -11.11 -0.20
CA ILE E 177 -26.39 -11.30 -1.05
C ILE E 177 -27.03 -12.68 -0.95
N HIS E 178 -26.26 -13.71 -1.31
CA HIS E 178 -26.74 -15.08 -1.33
C HIS E 178 -26.94 -15.63 0.08
N GLN E 179 -26.15 -15.15 1.04
CA GLN E 179 -26.27 -15.55 2.46
C GLN E 179 -26.22 -14.39 3.47
N PRO E 180 -27.33 -13.65 3.62
CA PRO E 180 -27.49 -12.70 4.73
C PRO E 180 -28.07 -13.31 6.03
N GLU E 181 -28.44 -14.58 6.00
CA GLU E 181 -28.83 -15.30 7.23
C GLU E 181 -27.58 -15.60 8.08
N ASN E 182 -26.48 -15.91 7.39
CA ASN E 182 -25.16 -16.09 7.99
C ASN E 182 -24.31 -14.82 7.70
N PRO E 183 -24.15 -13.93 8.72
CA PRO E 183 -23.42 -12.68 8.49
C PRO E 183 -21.89 -12.84 8.38
N GLN E 184 -21.35 -13.90 8.97
CA GLN E 184 -19.92 -14.24 8.89
C GLN E 184 -19.62 -15.40 7.93
N HIS E 185 -20.44 -15.51 6.88
CA HIS E 185 -20.27 -16.54 5.85
C HIS E 185 -18.97 -16.31 5.06
N PHE E 186 -18.71 -15.05 4.70
CA PHE E 186 -17.49 -14.74 3.95
C PHE E 186 -16.25 -15.19 4.72
N ALA E 187 -16.20 -14.89 6.01
CA ALA E 187 -15.10 -15.33 6.86
C ALA E 187 -15.09 -16.86 7.04
N CYS E 188 -16.27 -17.44 7.32
CA CYS E 188 -16.43 -18.90 7.40
C CYS E 188 -15.74 -19.57 6.19
N LEU E 189 -15.91 -18.96 5.00
CA LEU E 189 -15.29 -19.43 3.76
C LEU E 189 -13.78 -19.40 3.78
N LEU E 190 -13.21 -18.23 4.05
CA LEU E 190 -11.73 -18.06 4.08
C LEU E 190 -11.08 -19.00 5.09
N GLY E 191 -11.87 -19.33 6.13
CA GLY E 191 -11.53 -20.37 7.09
C GLY E 191 -11.15 -21.65 6.41
N ARG E 192 -11.94 -22.04 5.42
CA ARG E 192 -11.72 -23.29 4.69
C ARG E 192 -10.44 -23.27 3.87
N LEU E 193 -10.02 -22.09 3.39
CA LEU E 193 -8.71 -21.94 2.74
C LEU E 193 -7.59 -22.50 3.59
N THR E 194 -7.64 -22.19 4.90
CA THR E 194 -6.65 -22.66 5.88
C THR E 194 -6.61 -24.19 5.90
N GLU E 195 -7.78 -24.80 5.94
CA GLU E 195 -7.88 -26.25 6.10
C GLU E 195 -7.42 -27.01 4.85
N LEU E 196 -7.39 -26.30 3.74
CA LEU E 196 -6.97 -26.84 2.46
C LEU E 196 -5.47 -26.95 2.39
N ARG E 197 -4.77 -26.20 3.23
CA ARG E 197 -3.31 -26.24 3.26
C ARG E 197 -2.75 -27.55 3.82
N THR E 198 -3.52 -28.18 4.69
CA THR E 198 -3.13 -29.48 5.25
C THR E 198 -3.15 -30.57 4.18
N PHE E 199 -4.07 -30.46 3.22
CA PHE E 199 -4.12 -31.42 2.13
C PHE E 199 -2.94 -31.21 1.21
N ASN E 200 -2.56 -29.95 0.98
CA ASN E 200 -1.37 -29.63 0.17
C ASN E 200 -0.16 -30.29 0.80
N HIS E 201 0.00 -30.08 2.11
CA HIS E 201 1.17 -30.57 2.84
C HIS E 201 1.35 -32.09 2.79
N HIS E 202 0.27 -32.82 3.08
CA HIS E 202 0.30 -34.28 3.14
C HIS E 202 0.21 -34.99 1.78
N HIS E 203 -0.26 -34.30 0.73
CA HIS E 203 -0.57 -34.95 -0.55
C HIS E 203 0.56 -35.84 -1.07
N ALA E 204 1.76 -35.28 -1.11
CA ALA E 204 2.95 -36.03 -1.52
C ALA E 204 3.10 -37.36 -0.77
N GLU E 205 2.98 -37.28 0.54
CA GLU E 205 3.11 -38.44 1.43
C GLU E 205 1.96 -39.43 1.23
N MET E 206 0.76 -38.92 0.97
CA MET E 206 -0.42 -39.76 0.83
C MET E 206 -0.31 -40.70 -0.36
N LEU E 207 0.05 -40.11 -1.50
CA LEU E 207 0.22 -40.85 -2.75
C LEU E 207 1.33 -41.88 -2.68
N MET E 208 2.47 -41.48 -2.13
CA MET E 208 3.61 -42.39 -2.01
C MET E 208 3.37 -43.51 -0.97
N SER E 209 2.46 -43.30 -0.02
CA SER E 209 1.98 -44.39 0.86
C SER E 209 0.79 -45.21 0.29
N TRP E 210 0.51 -45.05 -1.01
CA TRP E 210 -0.42 -45.91 -1.78
C TRP E 210 -1.88 -45.46 -1.67
N LYS E 216 3.42 -45.77 -13.11
CA LYS E 216 2.30 -45.42 -12.23
C LYS E 216 1.57 -44.13 -12.69
N PHE E 217 2.18 -42.97 -12.48
CA PHE E 217 1.49 -41.69 -12.70
C PHE E 217 1.61 -41.17 -14.11
N THR E 218 0.66 -40.31 -14.48
CA THR E 218 0.69 -39.62 -15.76
C THR E 218 1.79 -38.56 -15.74
N PRO E 219 2.25 -38.13 -16.93
CA PRO E 219 3.27 -37.08 -17.04
C PRO E 219 2.89 -35.76 -16.37
N LEU E 220 1.67 -35.30 -16.65
CA LEU E 220 1.19 -34.00 -16.14
C LEU E 220 1.13 -33.95 -14.61
N LEU E 221 0.76 -35.05 -13.97
CA LEU E 221 0.70 -35.11 -12.51
C LEU E 221 2.10 -35.16 -11.89
N CYS E 222 2.95 -36.08 -12.35
CA CYS E 222 4.39 -36.14 -11.94
C CYS E 222 4.98 -34.73 -11.78
N GLU E 223 4.56 -33.84 -12.66
CA GLU E 223 5.13 -32.54 -12.80
C GLU E 223 4.52 -31.48 -11.89
N ILE E 224 3.18 -31.44 -11.84
CA ILE E 224 2.44 -30.44 -11.05
C ILE E 224 2.26 -30.84 -9.56
N TRP E 225 2.41 -32.12 -9.25
CA TRP E 225 2.33 -32.63 -7.87
C TRP E 225 3.72 -32.94 -7.23
N ASP E 226 4.80 -32.94 -8.03
CA ASP E 226 6.16 -33.41 -7.62
C ASP E 226 6.14 -34.84 -7.06
N VAL E 227 5.76 -35.79 -7.92
CA VAL E 227 5.63 -37.20 -7.53
C VAL E 227 6.23 -38.15 -8.57
N GLN E 228 6.57 -39.37 -8.13
CA GLN E 228 7.16 -40.42 -8.99
C GLN E 228 6.10 -41.22 -9.72
N HIS F 1 5.60 -27.98 -17.37
CA HIS F 1 6.55 -26.91 -17.58
C HIS F 1 7.82 -27.35 -18.31
N LYS F 2 7.98 -28.66 -18.38
CA LYS F 2 8.61 -29.31 -19.49
C LYS F 2 7.45 -29.54 -20.47
N ILE F 3 6.30 -29.95 -19.90
CA ILE F 3 5.04 -30.16 -20.63
C ILE F 3 3.79 -29.35 -20.15
N LEU F 4 4.00 -28.26 -19.41
CA LEU F 4 2.89 -27.49 -18.71
C LEU F 4 2.91 -26.14 -19.43
N HIS F 5 2.66 -25.06 -18.68
CA HIS F 5 2.93 -23.65 -19.04
C HIS F 5 1.66 -22.84 -19.26
N ARG F 6 1.33 -22.64 -20.54
CA ARG F 6 0.12 -22.01 -20.98
C ARG F 6 0.04 -20.59 -20.43
N GLU G 1 22.32 21.52 -25.29
CA GLU G 1 22.84 20.41 -24.43
C GLU G 1 22.30 19.06 -24.88
N ASP G 2 22.48 18.01 -24.08
CA ASP G 2 21.72 16.75 -24.25
C ASP G 2 20.25 16.86 -23.81
N MET G 3 19.70 18.06 -23.99
CA MET G 3 18.34 18.43 -23.66
C MET G 3 18.12 19.76 -24.38
N PRO G 4 17.99 19.70 -25.71
CA PRO G 4 17.93 20.83 -26.61
C PRO G 4 16.61 21.62 -26.50
N VAL G 5 16.71 22.88 -26.09
CA VAL G 5 15.48 23.68 -25.81
C VAL G 5 14.66 24.07 -27.06
N GLU G 6 15.29 24.10 -28.24
CA GLU G 6 14.54 24.28 -29.50
C GLU G 6 13.73 23.02 -29.82
N ARG G 7 14.33 21.83 -29.69
CA ARG G 7 13.60 20.55 -29.89
C ARG G 7 12.48 20.29 -28.83
N ILE G 8 12.62 20.90 -27.65
CA ILE G 8 11.52 21.01 -26.66
C ILE G 8 10.49 22.02 -27.15
N LEU G 9 10.95 23.18 -27.60
CA LEU G 9 10.08 24.18 -28.25
C LEU G 9 9.30 23.60 -29.43
N GLU G 10 9.90 22.66 -30.17
CA GLU G 10 9.21 22.06 -31.32
C GLU G 10 7.99 21.31 -30.83
N ALA G 11 8.19 20.46 -29.84
CA ALA G 11 7.09 19.78 -29.15
C ALA G 11 5.96 20.73 -28.74
N GLU G 12 6.29 21.92 -28.27
CA GLU G 12 5.27 22.93 -27.90
C GLU G 12 4.45 23.45 -29.09
N LEU G 13 5.14 23.78 -30.18
CA LEU G 13 4.51 24.35 -31.38
C LEU G 13 3.79 23.29 -32.21
N ALA G 14 4.38 22.10 -32.29
CA ALA G 14 3.84 20.97 -33.05
C ALA G 14 2.69 20.22 -32.35
N VAL G 15 2.00 20.85 -31.39
CA VAL G 15 0.75 20.31 -30.80
C VAL G 15 -0.32 21.38 -30.48
N GLU G 16 -0.26 22.56 -31.08
CA GLU G 16 -1.19 23.61 -30.66
C GLU G 16 -2.23 24.11 -31.69
N PRO G 17 -1.85 25.03 -32.61
CA PRO G 17 -2.77 26.05 -33.23
C PRO G 17 -4.18 25.63 -33.76
N LYS G 18 -5.23 26.14 -33.11
CA LYS G 18 -6.61 26.05 -33.61
C LYS G 18 -7.38 27.34 -33.33
N THR G 19 -7.83 27.99 -34.40
CA THR G 19 -8.67 29.19 -34.29
C THR G 19 -10.14 28.83 -33.96
N GLU G 20 -10.81 28.23 -34.95
CA GLU G 20 -12.19 27.74 -34.85
C GLU G 20 -12.49 26.98 -36.15
N ASN G 35 -23.86 23.35 -22.93
CA ASN G 35 -23.39 24.75 -22.90
C ASN G 35 -22.81 25.28 -21.55
N ASP G 36 -22.61 24.42 -20.55
CA ASP G 36 -22.12 24.82 -19.21
C ASP G 36 -20.64 25.25 -19.23
N PRO G 37 -20.21 26.16 -18.31
CA PRO G 37 -18.76 26.45 -18.23
C PRO G 37 -17.88 25.21 -17.98
N VAL G 38 -18.21 24.44 -16.93
CA VAL G 38 -17.39 23.32 -16.49
C VAL G 38 -17.30 22.19 -17.54
N THR G 39 -18.45 21.84 -18.13
CA THR G 39 -18.52 20.80 -19.19
C THR G 39 -17.63 21.10 -20.40
N ASN G 40 -17.56 22.38 -20.75
CA ASN G 40 -16.74 22.85 -21.87
C ASN G 40 -15.24 22.71 -21.60
N ILE G 41 -14.87 22.89 -20.34
CA ILE G 41 -13.49 22.74 -19.91
C ILE G 41 -13.12 21.25 -19.89
N CYS G 42 -14.03 20.43 -19.38
CA CYS G 42 -13.88 18.97 -19.39
C CYS G 42 -13.84 18.37 -20.79
N GLN G 43 -14.59 18.97 -21.72
CA GLN G 43 -14.53 18.59 -23.14
C GLN G 43 -13.14 18.86 -23.65
N ALA G 44 -12.68 20.08 -23.44
CA ALA G 44 -11.34 20.51 -23.85
C ALA G 44 -10.24 19.69 -23.21
N ALA G 45 -10.37 19.41 -21.92
CA ALA G 45 -9.40 18.60 -21.19
C ALA G 45 -9.14 17.23 -21.82
N ASP G 46 -10.23 16.56 -22.25
CA ASP G 46 -10.20 15.23 -22.89
C ASP G 46 -9.53 15.25 -24.25
N LYS G 47 -9.94 16.20 -25.09
CA LYS G 47 -9.31 16.46 -26.38
C LYS G 47 -7.80 16.62 -26.23
N GLN G 48 -7.40 17.47 -25.28
CA GLN G 48 -5.97 17.78 -25.05
C GLN G 48 -5.13 16.69 -24.40
N LEU G 49 -5.77 15.72 -23.74
CA LEU G 49 -5.03 14.60 -23.19
C LEU G 49 -4.40 13.73 -24.29
N PHE G 50 -5.13 13.56 -25.40
CA PHE G 50 -4.59 12.86 -26.59
C PHE G 50 -3.36 13.55 -27.15
N THR G 51 -3.47 14.87 -27.38
CA THR G 51 -2.35 15.66 -27.90
C THR G 51 -1.17 15.56 -26.92
N LEU G 52 -1.46 15.54 -25.63
CA LEU G 52 -0.43 15.47 -24.59
C LEU G 52 0.53 14.31 -24.79
N VAL G 53 0.00 13.12 -25.07
CA VAL G 53 0.87 11.93 -25.24
C VAL G 53 1.79 12.15 -26.45
N GLU G 54 1.27 12.76 -27.50
CA GLU G 54 2.08 13.01 -28.68
C GLU G 54 3.18 14.02 -28.30
N TRP G 55 2.80 15.03 -27.49
CA TRP G 55 3.75 16.03 -26.92
C TRP G 55 4.86 15.41 -26.05
N ALA G 56 4.51 14.44 -25.22
CA ALA G 56 5.47 13.78 -24.33
C ALA G 56 6.61 13.03 -25.07
N LYS G 57 6.27 12.29 -26.12
CA LYS G 57 7.27 11.58 -26.97
C LYS G 57 8.24 12.53 -27.66
N ARG G 58 7.71 13.66 -28.14
CA ARG G 58 8.51 14.74 -28.72
C ARG G 58 9.55 15.39 -27.75
N ILE G 59 9.39 15.17 -26.44
CA ILE G 59 10.35 15.60 -25.41
C ILE G 59 11.52 14.61 -25.28
N PRO G 60 12.76 15.07 -25.55
CA PRO G 60 13.92 14.20 -25.55
C PRO G 60 13.95 13.18 -24.41
N HIS G 61 14.41 11.98 -24.76
CA HIS G 61 14.64 10.88 -23.82
C HIS G 61 13.37 10.40 -23.10
N PHE G 62 12.20 10.92 -23.44
CA PHE G 62 10.99 10.52 -22.72
C PHE G 62 10.61 9.11 -23.11
N SER G 63 10.35 8.90 -24.41
CA SER G 63 9.96 7.59 -24.96
C SER G 63 10.99 6.47 -24.66
N GLU G 64 12.25 6.87 -24.55
CA GLU G 64 13.38 5.98 -24.23
C GLU G 64 13.33 5.40 -22.80
N LEU G 65 12.61 6.05 -21.89
CA LEU G 65 12.32 5.49 -20.55
C LEU G 65 11.47 4.22 -20.62
N PRO G 66 11.40 3.46 -19.50
CA PRO G 66 10.44 2.35 -19.40
C PRO G 66 8.99 2.76 -19.70
N LEU G 67 8.17 1.76 -20.01
CA LEU G 67 6.80 1.98 -20.50
C LEU G 67 5.82 2.27 -19.38
N ASP G 68 5.90 1.49 -18.31
CA ASP G 68 5.13 1.74 -17.09
C ASP G 68 5.60 3.02 -16.36
N ASP G 69 6.83 3.48 -16.60
CA ASP G 69 7.29 4.80 -16.12
C ASP G 69 6.65 5.97 -16.86
N GLN G 70 6.57 5.90 -18.19
CA GLN G 70 5.84 6.91 -18.99
C GLN G 70 4.37 7.00 -18.57
N VAL G 71 3.77 5.87 -18.24
CA VAL G 71 2.38 5.80 -17.77
C VAL G 71 2.23 6.58 -16.49
N ILE G 72 3.17 6.39 -15.57
CA ILE G 72 3.10 6.98 -14.23
C ILE G 72 3.35 8.47 -14.26
N LEU G 73 4.33 8.92 -15.05
CA LEU G 73 4.59 10.35 -15.20
C LEU G 73 3.35 11.13 -15.70
N LEU G 74 2.85 10.76 -16.88
CA LEU G 74 1.65 11.39 -17.50
C LEU G 74 0.38 11.28 -16.67
N ARG G 75 0.23 10.15 -16.01
CA ARG G 75 -0.92 9.92 -15.14
C ARG G 75 -0.87 10.75 -13.84
N ALA G 76 0.35 11.12 -13.43
CA ALA G 76 0.59 11.92 -12.23
C ALA G 76 0.48 13.42 -12.50
N GLY G 77 1.15 13.90 -13.55
CA GLY G 77 1.17 15.32 -13.89
C GLY G 77 0.27 15.86 -15.00
N TRP G 78 -0.64 15.05 -15.56
CA TRP G 78 -1.50 15.53 -16.69
C TRP G 78 -2.28 16.83 -16.40
N ASN G 79 -2.71 17.00 -15.15
CA ASN G 79 -3.54 18.13 -14.74
C ASN G 79 -2.75 19.42 -14.73
N GLU G 80 -1.55 19.38 -14.17
CA GLU G 80 -0.69 20.55 -14.11
C GLU G 80 -0.27 20.99 -15.51
N LEU G 81 0.20 20.01 -16.29
CA LEU G 81 0.63 20.21 -17.68
C LEU G 81 -0.42 20.88 -18.55
N LEU G 82 -1.64 20.39 -18.51
CA LEU G 82 -2.71 21.00 -19.31
C LEU G 82 -3.04 22.40 -18.83
N ILE G 83 -3.24 22.57 -17.54
CA ILE G 83 -3.39 23.90 -16.92
C ILE G 83 -2.27 24.88 -17.31
N ALA G 84 -1.02 24.42 -17.29
CA ALA G 84 0.13 25.24 -17.74
C ALA G 84 -0.08 25.75 -19.19
N SER G 85 -0.45 24.82 -20.08
CA SER G 85 -0.51 25.05 -21.53
C SER G 85 -1.71 25.86 -21.99
N PHE G 86 -2.81 25.82 -21.23
CA PHE G 86 -3.98 26.69 -21.51
C PHE G 86 -3.81 28.04 -20.86
N SER G 87 -3.13 28.10 -19.72
CA SER G 87 -2.83 29.38 -19.09
C SER G 87 -1.92 30.26 -19.95
N HIS G 88 -0.98 29.66 -20.66
CA HIS G 88 -0.11 30.43 -21.53
C HIS G 88 -0.84 30.92 -22.80
N ARG G 89 -1.66 30.04 -23.41
CA ARG G 89 -2.57 30.44 -24.49
C ARG G 89 -3.47 31.65 -24.10
N SER G 90 -3.91 31.67 -22.85
CA SER G 90 -4.84 32.70 -22.37
C SER G 90 -4.23 34.06 -22.03
N ILE G 91 -2.94 34.26 -22.29
CA ILE G 91 -2.30 35.59 -22.16
C ILE G 91 -2.99 36.65 -23.03
N ALA G 92 -3.31 36.31 -24.28
CA ALA G 92 -4.05 37.18 -25.21
C ALA G 92 -5.34 37.75 -24.58
N VAL G 93 -6.18 36.83 -24.09
CA VAL G 93 -7.51 37.13 -23.52
C VAL G 93 -7.36 37.76 -22.12
N LYS G 94 -8.39 38.49 -21.68
CA LYS G 94 -8.39 39.08 -20.33
C LYS G 94 -9.72 38.92 -19.55
N ASP G 95 -9.58 38.79 -18.24
CA ASP G 95 -10.62 38.21 -17.35
C ASP G 95 -11.10 36.82 -17.82
N GLY G 96 -10.22 36.03 -18.42
CA GLY G 96 -10.63 34.74 -18.91
C GLY G 96 -9.56 33.77 -19.38
N ILE G 97 -10.08 32.71 -19.99
CA ILE G 97 -9.32 31.54 -20.37
C ILE G 97 -9.74 31.14 -21.80
N LEU G 98 -8.77 30.76 -22.62
CA LEU G 98 -9.01 30.27 -24.00
C LEU G 98 -8.80 28.77 -24.13
N LEU G 99 -9.89 28.05 -24.30
CA LEU G 99 -9.85 26.60 -24.40
C LEU G 99 -9.36 26.15 -25.77
N ALA G 100 -8.78 24.95 -25.81
CA ALA G 100 -8.27 24.31 -27.03
C ALA G 100 -9.34 24.01 -28.11
N THR G 101 -10.61 23.98 -27.71
CA THR G 101 -11.75 23.89 -28.60
C THR G 101 -12.20 25.23 -29.17
N GLY G 102 -11.43 26.30 -28.93
CA GLY G 102 -11.73 27.60 -29.52
C GLY G 102 -12.83 28.34 -28.80
N LEU G 103 -13.16 27.92 -27.58
CA LEU G 103 -14.12 28.64 -26.71
C LEU G 103 -13.40 29.56 -25.72
N HIS G 104 -14.03 30.69 -25.40
CA HIS G 104 -13.54 31.65 -24.37
C HIS G 104 -14.43 31.46 -23.14
N VAL G 105 -13.85 31.09 -21.99
CA VAL G 105 -14.59 30.98 -20.73
C VAL G 105 -14.28 32.19 -19.88
N HIS G 106 -15.25 33.09 -19.73
CA HIS G 106 -15.04 34.36 -19.03
C HIS G 106 -15.13 34.19 -17.51
N ARG G 107 -14.22 34.86 -16.81
CA ARG G 107 -14.22 34.98 -15.34
C ARG G 107 -15.59 35.01 -14.68
N ASN G 108 -16.46 35.90 -15.16
CA ASN G 108 -17.79 36.12 -14.56
C ASN G 108 -18.70 34.88 -14.75
N SER G 109 -18.62 34.27 -15.93
CA SER G 109 -19.26 32.98 -16.24
C SER G 109 -18.72 31.82 -15.36
N ALA G 110 -17.47 31.91 -14.94
CA ALA G 110 -16.86 30.95 -14.02
C ALA G 110 -17.42 31.09 -12.62
N HIS G 111 -17.48 32.31 -12.11
CA HIS G 111 -18.03 32.59 -10.78
C HIS G 111 -19.47 32.04 -10.59
N SER G 112 -20.34 32.32 -11.56
CA SER G 112 -21.74 31.85 -11.53
C SER G 112 -21.89 30.33 -11.67
N ALA G 113 -20.96 29.68 -12.37
CA ALA G 113 -20.92 28.20 -12.44
C ALA G 113 -20.34 27.52 -11.19
N GLY G 114 -20.01 28.31 -10.16
CA GLY G 114 -19.59 27.80 -8.85
C GLY G 114 -18.11 27.97 -8.51
N VAL G 115 -17.27 28.06 -9.56
CA VAL G 115 -15.81 27.82 -9.50
C VAL G 115 -14.98 29.08 -9.79
N GLY G 116 -15.38 30.18 -9.17
CA GLY G 116 -14.71 31.48 -9.34
C GLY G 116 -13.39 31.57 -8.62
N ALA G 117 -13.34 30.99 -7.41
CA ALA G 117 -12.15 31.01 -6.53
C ALA G 117 -10.94 30.34 -7.17
N ILE G 118 -11.12 29.12 -7.66
CA ILE G 118 -10.03 28.43 -8.34
C ILE G 118 -9.70 29.06 -9.69
N PHE G 119 -10.73 29.51 -10.42
CA PHE G 119 -10.56 30.24 -11.69
C PHE G 119 -9.73 31.53 -11.56
N ASP G 120 -10.05 32.37 -10.57
CA ASP G 120 -9.29 33.61 -10.31
C ASP G 120 -7.82 33.36 -9.91
N ARG G 121 -7.57 32.27 -9.18
CA ARG G 121 -6.19 31.90 -8.79
C ARG G 121 -5.36 31.55 -10.05
N VAL G 122 -6.00 30.87 -11.01
CA VAL G 122 -5.37 30.54 -12.29
C VAL G 122 -4.97 31.81 -13.04
N LEU G 123 -5.85 32.79 -13.04
CA LEU G 123 -5.59 34.07 -13.68
C LEU G 123 -4.45 34.87 -12.99
N THR G 124 -4.54 35.04 -11.67
CA THR G 124 -3.53 35.85 -10.94
C THR G 124 -2.14 35.20 -10.89
N GLU G 125 -2.10 33.94 -10.43
CA GLU G 125 -0.85 33.19 -10.25
C GLU G 125 -0.29 32.55 -11.52
N LEU G 126 -1.09 32.31 -12.56
CA LEU G 126 -0.56 31.76 -13.83
C LEU G 126 -0.69 32.67 -15.06
N VAL G 127 -1.91 33.04 -15.45
CA VAL G 127 -2.07 33.85 -16.67
C VAL G 127 -1.34 35.20 -16.52
N SER G 128 -1.72 35.98 -15.52
CA SER G 128 -1.17 37.33 -15.34
C SER G 128 0.34 37.32 -15.19
N LYS G 129 0.85 36.49 -14.29
CA LYS G 129 2.30 36.32 -14.12
C LYS G 129 3.03 35.97 -15.41
N MET G 130 2.43 35.07 -16.21
CA MET G 130 3.02 34.65 -17.48
C MET G 130 3.13 35.82 -18.47
N ARG G 131 2.08 36.64 -18.52
CA ARG G 131 2.03 37.85 -19.34
C ARG G 131 3.03 38.89 -18.86
N ASP G 132 2.94 39.22 -17.57
CA ASP G 132 3.79 40.27 -16.97
C ASP G 132 5.30 40.00 -17.12
N MET G 133 5.72 38.74 -17.01
CA MET G 133 7.10 38.37 -17.33
C MET G 133 7.32 37.99 -18.81
N GLN G 134 6.36 38.33 -19.67
CA GLN G 134 6.32 37.93 -21.09
C GLN G 134 6.98 36.58 -21.29
N MET G 135 6.33 35.56 -20.76
CA MET G 135 6.87 34.21 -20.77
C MET G 135 6.75 33.63 -22.17
N ASP G 136 7.86 33.19 -22.75
CA ASP G 136 7.82 32.64 -24.11
C ASP G 136 7.54 31.15 -24.12
N LYS G 137 7.33 30.59 -25.31
CA LYS G 137 6.95 29.18 -25.49
C LYS G 137 8.05 28.18 -25.14
N THR G 138 9.31 28.60 -25.25
CA THR G 138 10.46 27.76 -24.89
C THR G 138 10.50 27.49 -23.38
N GLU G 139 10.26 28.56 -22.61
CA GLU G 139 10.19 28.50 -21.15
C GLU G 139 9.02 27.63 -20.69
N LEU G 140 7.85 27.81 -21.32
CA LEU G 140 6.69 26.96 -21.05
C LEU G 140 6.98 25.49 -21.22
N GLY G 141 7.60 25.15 -22.34
CA GLY G 141 7.98 23.77 -22.64
C GLY G 141 8.95 23.18 -21.62
N CYS G 142 9.91 23.99 -21.19
CA CYS G 142 10.90 23.55 -20.20
C CYS G 142 10.27 23.37 -18.83
N LEU G 143 9.39 24.30 -18.45
CA LEU G 143 8.59 24.14 -17.23
C LEU G 143 7.77 22.85 -17.29
N ARG G 144 6.98 22.70 -18.34
CA ARG G 144 6.16 21.48 -18.50
C ARG G 144 6.99 20.21 -18.52
N ALA G 145 8.18 20.29 -19.11
CA ALA G 145 9.12 19.16 -19.19
C ALA G 145 9.59 18.75 -17.79
N ILE G 146 9.76 19.75 -16.93
CA ILE G 146 10.10 19.54 -15.51
C ILE G 146 8.95 18.86 -14.75
N VAL G 147 7.75 19.42 -14.89
CA VAL G 147 6.53 18.85 -14.33
C VAL G 147 6.30 17.41 -14.78
N LEU G 148 6.54 17.14 -16.06
CA LEU G 148 6.49 15.78 -16.59
C LEU G 148 7.49 14.86 -15.91
N PHE G 149 8.77 15.23 -15.90
CA PHE G 149 9.82 14.46 -15.17
C PHE G 149 9.79 14.69 -13.66
N ASN G 150 8.74 14.20 -13.00
CA ASN G 150 8.54 14.29 -11.55
C ASN G 150 9.06 13.02 -10.87
N PRO G 151 10.29 13.05 -10.32
CA PRO G 151 10.75 11.86 -9.54
C PRO G 151 9.91 11.49 -8.34
N ASP G 152 9.16 12.44 -7.79
CA ASP G 152 8.34 12.16 -6.62
C ASP G 152 7.13 11.28 -6.90
N SER G 153 6.84 11.03 -8.18
CA SER G 153 5.71 10.20 -8.57
C SER G 153 5.75 8.81 -7.92
N LYS G 154 4.61 8.40 -7.38
CA LYS G 154 4.49 7.17 -6.58
C LYS G 154 4.68 5.94 -7.46
N GLY G 155 5.33 4.92 -6.90
CA GLY G 155 5.53 3.62 -7.57
C GLY G 155 6.34 3.54 -8.86
N LEU G 156 7.06 4.61 -9.23
CA LEU G 156 7.82 4.63 -10.48
C LEU G 156 9.11 3.82 -10.29
N SER G 157 9.55 3.15 -11.36
CA SER G 157 10.58 2.09 -11.28
C SER G 157 11.90 2.69 -10.83
N ASN G 158 12.44 3.59 -11.65
CA ASN G 158 13.75 4.19 -11.43
C ASN G 158 13.65 5.72 -11.30
N PRO G 159 13.38 6.20 -10.06
CA PRO G 159 13.37 7.63 -9.75
C PRO G 159 14.64 8.40 -10.19
N ALA G 160 15.81 7.81 -10.02
CA ALA G 160 17.07 8.47 -10.38
C ALA G 160 17.16 8.83 -11.88
N GLU G 161 16.67 7.93 -12.74
CA GLU G 161 16.57 8.21 -14.19
C GLU G 161 15.74 9.46 -14.44
N VAL G 162 14.61 9.56 -13.74
CA VAL G 162 13.69 10.69 -13.92
C VAL G 162 14.35 11.98 -13.45
N GLU G 163 14.80 11.96 -12.18
CA GLU G 163 15.52 13.09 -11.57
C GLU G 163 16.62 13.57 -12.50
N ALA G 164 17.45 12.63 -12.99
CA ALA G 164 18.52 12.95 -13.93
C ALA G 164 18.06 13.75 -15.15
N LEU G 165 16.98 13.27 -15.79
CA LEU G 165 16.36 13.97 -16.92
C LEU G 165 15.86 15.35 -16.56
N ARG G 166 15.26 15.48 -15.38
CA ARG G 166 14.83 16.77 -14.90
C ARG G 166 15.99 17.77 -14.82
N GLU G 167 17.13 17.34 -14.26
CA GLU G 167 18.34 18.20 -14.11
C GLU G 167 18.88 18.70 -15.43
N LYS G 168 18.78 17.86 -16.47
CA LYS G 168 19.17 18.25 -17.82
C LYS G 168 18.26 19.41 -18.31
N VAL G 169 16.96 19.35 -17.99
CA VAL G 169 16.02 20.41 -18.35
C VAL G 169 16.35 21.69 -17.59
N TYR G 170 16.58 21.57 -16.28
CA TYR G 170 16.97 22.70 -15.43
C TYR G 170 18.19 23.43 -16.03
N ALA G 171 19.28 22.67 -16.24
CA ALA G 171 20.53 23.19 -16.83
C ALA G 171 20.23 24.00 -18.05
N SER G 172 19.51 23.37 -18.98
CA SER G 172 19.18 23.93 -20.27
C SER G 172 18.26 25.13 -20.19
N LEU G 173 17.30 25.11 -19.27
CA LEU G 173 16.40 26.28 -19.09
C LEU G 173 17.17 27.49 -18.53
N GLU G 174 18.13 27.22 -17.64
CA GLU G 174 19.04 28.26 -17.12
C GLU G 174 19.91 28.83 -18.22
N ALA G 175 20.57 27.91 -18.95
CA ALA G 175 21.31 28.25 -20.18
C ALA G 175 20.52 29.22 -21.04
N TYR G 176 19.30 28.81 -21.37
CA TYR G 176 18.44 29.59 -22.26
C TYR G 176 18.10 30.97 -21.68
N CYS G 177 17.88 31.05 -20.37
CA CYS G 177 17.46 32.31 -19.73
C CYS G 177 18.57 33.38 -19.64
N LYS G 178 19.82 32.93 -19.43
CA LYS G 178 20.97 33.84 -19.32
C LYS G 178 21.34 34.48 -20.67
N HIS G 179 21.27 33.68 -21.75
CA HIS G 179 21.58 34.17 -23.09
C HIS G 179 20.43 35.04 -23.63
N LYS G 180 19.19 34.57 -23.53
CA LYS G 180 18.03 35.30 -24.08
C LYS G 180 17.61 36.53 -23.28
N TYR G 181 17.88 36.54 -21.97
CA TYR G 181 17.54 37.69 -21.11
C TYR G 181 18.67 37.97 -20.10
N PRO G 182 19.86 38.44 -20.57
CA PRO G 182 21.00 38.67 -19.66
C PRO G 182 20.83 39.78 -18.60
N GLU G 183 19.97 40.76 -18.86
CA GLU G 183 19.68 41.82 -17.88
C GLU G 183 18.51 41.46 -16.91
N GLN G 184 18.25 40.17 -16.76
CA GLN G 184 17.41 39.61 -15.70
C GLN G 184 18.15 38.36 -15.20
N PRO G 185 19.05 38.51 -14.20
CA PRO G 185 19.78 37.35 -13.64
C PRO G 185 18.89 36.35 -12.88
N GLY G 186 17.82 36.86 -12.28
CA GLY G 186 16.87 36.04 -11.50
C GLY G 186 15.59 35.64 -12.22
N ARG G 187 15.64 35.56 -13.55
CA ARG G 187 14.50 35.14 -14.36
C ARG G 187 14.29 33.64 -14.21
N PHE G 188 15.38 32.89 -14.37
CA PHE G 188 15.38 31.42 -14.16
C PHE G 188 14.71 30.98 -12.88
N ALA G 189 15.03 31.64 -11.77
CA ALA G 189 14.37 31.34 -10.48
C ALA G 189 12.89 31.67 -10.51
N LYS G 190 12.57 32.85 -11.02
CA LYS G 190 11.21 33.37 -11.05
C LYS G 190 10.23 32.49 -11.86
N LEU G 191 10.76 31.88 -12.92
CA LEU G 191 10.05 30.89 -13.68
C LEU G 191 9.79 29.67 -12.82
N LEU G 192 10.85 29.13 -12.22
CA LEU G 192 10.76 27.93 -11.40
C LEU G 192 9.76 28.06 -10.23
N LEU G 193 9.60 29.26 -9.71
CA LEU G 193 8.59 29.54 -8.68
C LEU G 193 7.10 29.52 -9.14
N ARG G 194 6.82 29.41 -10.44
CA ARG G 194 5.46 29.13 -10.88
C ARG G 194 5.04 27.68 -10.56
N LEU G 195 6.02 26.79 -10.47
CA LEU G 195 5.75 25.36 -10.34
C LEU G 195 5.01 24.96 -9.06
N PRO G 196 5.43 25.50 -7.88
CA PRO G 196 4.62 25.30 -6.67
C PRO G 196 3.17 25.83 -6.79
N ALA G 197 3.00 27.06 -7.24
CA ALA G 197 1.67 27.64 -7.45
C ALA G 197 0.89 26.78 -8.39
N LEU G 198 1.57 26.25 -9.40
CA LEU G 198 0.93 25.36 -10.34
C LEU G 198 0.47 24.07 -9.67
N ARG G 199 1.33 23.50 -8.83
CA ARG G 199 1.02 22.27 -8.04
C ARG G 199 -0.21 22.49 -7.16
N SER G 200 -0.20 23.57 -6.35
CA SER G 200 -1.36 23.89 -5.48
C SER G 200 -2.70 24.04 -6.23
N ILE G 201 -2.67 24.66 -7.40
CA ILE G 201 -3.88 24.84 -8.23
C ILE G 201 -4.31 23.50 -8.81
N GLY G 202 -3.35 22.76 -9.32
CA GLY G 202 -3.60 21.44 -9.86
C GLY G 202 -4.25 20.48 -8.88
N LEU G 203 -3.82 20.53 -7.62
CA LEU G 203 -4.41 19.69 -6.59
C LEU G 203 -5.83 20.14 -6.26
N LYS G 204 -6.07 21.45 -6.25
CA LYS G 204 -7.42 22.02 -6.12
C LYS G 204 -8.36 21.70 -7.31
N CYS G 205 -7.85 21.77 -8.53
CA CYS G 205 -8.63 21.35 -9.69
C CYS G 205 -8.95 19.88 -9.72
N LEU G 206 -8.11 19.03 -9.14
CA LEU G 206 -8.43 17.59 -9.04
C LEU G 206 -9.46 17.32 -7.96
N GLU G 207 -9.44 18.12 -6.91
CA GLU G 207 -10.45 18.06 -5.87
C GLU G 207 -11.79 18.29 -6.54
N HIS G 208 -11.91 19.45 -7.21
CA HIS G 208 -13.12 19.86 -7.89
C HIS G 208 -13.58 18.80 -8.87
N LEU G 209 -12.67 18.28 -9.70
CA LEU G 209 -13.03 17.26 -10.70
C LEU G 209 -13.54 15.95 -10.11
N PHE G 210 -12.90 15.49 -9.02
CA PHE G 210 -13.34 14.27 -8.32
C PHE G 210 -14.76 14.43 -7.79
N PHE G 211 -15.08 15.64 -7.33
CA PHE G 211 -16.43 15.97 -6.89
C PHE G 211 -17.42 15.98 -8.07
N PHE G 212 -17.06 16.68 -9.16
CA PHE G 212 -17.90 16.74 -10.37
C PHE G 212 -18.14 15.40 -11.04
N LYS G 213 -17.16 14.50 -10.98
CA LYS G 213 -17.34 13.13 -11.45
C LYS G 213 -18.38 12.42 -10.58
N LEU G 214 -18.20 12.52 -9.26
CA LEU G 214 -18.99 11.71 -8.30
C LEU G 214 -20.42 12.19 -8.02
N ILE G 215 -20.75 13.44 -8.32
CA ILE G 215 -22.17 13.89 -8.36
C ILE G 215 -22.90 13.57 -9.69
N GLY G 216 -22.14 13.16 -10.72
CA GLY G 216 -22.70 12.70 -12.01
C GLY G 216 -23.03 13.75 -13.06
N ASP G 217 -23.23 15.01 -12.63
CA ASP G 217 -23.82 16.09 -13.46
C ASP G 217 -23.08 16.52 -14.73
N THR G 218 -21.87 16.02 -14.94
CA THR G 218 -20.98 16.57 -15.96
C THR G 218 -20.53 15.47 -16.92
N PRO G 219 -20.74 15.67 -18.25
CA PRO G 219 -20.15 14.81 -19.28
C PRO G 219 -18.64 14.74 -19.15
N ILE G 220 -18.17 13.64 -18.59
CA ILE G 220 -16.76 13.39 -18.45
C ILE G 220 -16.49 12.32 -19.48
N ASP G 221 -15.67 12.64 -20.48
CA ASP G 221 -15.48 11.74 -21.60
C ASP G 221 -14.49 10.65 -21.20
N THR G 222 -14.17 9.74 -22.11
CA THR G 222 -13.43 8.50 -21.78
C THR G 222 -12.04 8.73 -21.20
N PHE G 223 -11.18 9.43 -21.93
CA PHE G 223 -9.76 9.58 -21.54
C PHE G 223 -9.57 10.44 -20.29
N LEU G 224 -10.41 11.46 -20.10
CA LEU G 224 -10.45 12.20 -18.83
C LEU G 224 -10.93 11.32 -17.68
N MET G 225 -11.88 10.44 -17.97
CA MET G 225 -12.41 9.51 -16.98
C MET G 225 -11.31 8.55 -16.55
N GLU G 226 -10.59 7.99 -17.52
CA GLU G 226 -9.50 7.04 -17.25
C GLU G 226 -8.43 7.64 -16.33
N MET G 227 -8.06 8.90 -16.57
CA MET G 227 -7.12 9.64 -15.71
C MET G 227 -7.60 9.81 -14.26
N LEU G 228 -8.92 9.86 -14.04
CA LEU G 228 -9.52 10.05 -12.71
C LEU G 228 -9.83 8.78 -11.91
N GLU G 229 -9.95 7.63 -12.56
CA GLU G 229 -10.25 6.36 -11.87
C GLU G 229 -8.93 5.67 -11.48
N ALA G 230 -8.77 5.29 -10.20
CA ALA G 230 -7.54 4.60 -9.72
C ALA G 230 -7.30 3.29 -10.51
N PRO G 231 -6.08 3.09 -11.08
CA PRO G 231 -5.90 2.06 -12.10
C PRO G 231 -5.73 0.67 -11.48
N HIS H 1 -5.72 2.11 -17.79
CA HIS H 1 -4.64 1.34 -18.53
C HIS H 1 -4.85 1.45 -20.05
N LYS H 2 -6.05 1.08 -20.48
CA LYS H 2 -6.40 0.89 -21.90
C LYS H 2 -5.85 2.00 -22.81
N ILE H 3 -6.39 3.21 -22.66
CA ILE H 3 -6.12 4.31 -23.62
C ILE H 3 -4.68 4.79 -23.60
N LEU H 4 -4.17 5.04 -22.40
CA LEU H 4 -2.83 5.60 -22.24
C LEU H 4 -1.74 4.65 -22.78
N HIS H 5 -1.80 3.39 -22.35
CA HIS H 5 -0.90 2.32 -22.84
C HIS H 5 -0.79 2.31 -24.35
N ARG H 6 -1.96 2.34 -25.00
CA ARG H 6 -2.04 2.27 -26.45
C ARG H 6 -1.19 3.33 -27.12
N LEU H 7 -1.48 4.61 -26.84
CA LEU H 7 -0.86 5.73 -27.56
C LEU H 7 0.67 5.78 -27.47
N LEU H 8 1.18 5.35 -26.32
CA LEU H 8 2.62 5.13 -26.09
C LEU H 8 3.19 3.99 -26.99
N GLN H 9 2.30 3.16 -27.57
CA GLN H 9 2.57 2.16 -28.65
C GLN H 9 3.21 0.88 -28.09
#